data_9ET4
#
_entry.id   9ET4
#
_cell.length_a   73.832
_cell.length_b   133.2
_cell.length_c   147.089
_cell.angle_alpha   90
_cell.angle_beta   90
_cell.angle_gamma   90
#
_symmetry.space_group_name_H-M   'P 21 21 21'
#
loop_
_entity.id
_entity.type
_entity.pdbx_description
1 polymer Cyclin-A2
2 polymer 'Cyclin-dependent kinase 2'
3 non-polymer 4-iodanylbenzenesulfonamide
4 water water
#
loop_
_entity_poly.entity_id
_entity_poly.type
_entity_poly.pdbx_seq_one_letter_code
_entity_poly.pdbx_strand_id
1 'polypeptide(L)'
;GVNEVPDYHEDIHTYLREMEVKCKPKVGYMKKQPDITNSMRAILVDWLVEVGEEYKLQNETLHLAVNYIDRFLSSMSVLR
GKLQLVGTAAMLLASKFEEIYPPEVAEFVYITDDTYTKKQVLRMEHLVLKVLAFDLAAPTINQFLTQYFLHQQPANCKVE
SLAMFLGELSLIDADPYLKYLPSVIAAAAFHLALYTVTGQSWPESLVQKTGYTLETLKPCLLDLHQTYLRAPQHAQQSIR
EKYKNSKYHGVSLLNPPETLNVHHHHHH
;
D,B
2 'polypeptide(L)'
;GPGSMENFQKVEKIGEGTYGVVYKARNKLTGEVVALKKIRLDTETEGVPSTAIREISLLKELNHPNIVKLLDVIHTENKL
YLVFEFLHQDLKKFMDASALTGIPLPLIKSYLFQLLQGLAFCHSHRVLHRDLKPQNLLINTEGAIKLADFGLARAFGVPV
RTY(TPO)HEVVTLWYRAPEILLGCKYYSTAVDIWSLGCIFAEMVTRRALFPGDSEIDQLFRIFRTLGTPDEVVWPGVTS
MPDYKPSFPKWARQDFSKVVPPLDEDGRSLLSQMLHYDPNKRISAKAALAHPFFQDVTKPVPHLRL
;
A,C
#
loop_
_chem_comp.id
_chem_comp.type
_chem_comp.name
_chem_comp.formula
A1H6X non-polymer 4-iodanylbenzenesulfonamide 'C6 H6 I N O2 S'
#
# COMPACT_ATOMS: atom_id res chain seq x y z
N GLY A 1 1.96 14.56 -35.41
CA GLY A 1 2.46 15.64 -34.55
C GLY A 1 2.92 15.06 -33.21
N VAL A 2 4.18 15.40 -32.83
CA VAL A 2 4.84 14.82 -31.67
C VAL A 2 4.21 15.38 -30.39
N ASN A 3 3.48 16.49 -30.51
CA ASN A 3 2.75 17.08 -29.39
C ASN A 3 1.56 16.21 -28.99
N GLU A 4 1.18 15.27 -29.86
CA GLU A 4 0.13 14.29 -29.57
C GLU A 4 0.75 12.93 -29.27
N VAL A 5 2.09 12.89 -29.17
CA VAL A 5 2.91 11.72 -28.83
C VAL A 5 2.29 10.47 -29.47
N PRO A 6 2.22 10.41 -30.82
CA PRO A 6 1.77 9.23 -31.56
C PRO A 6 2.25 7.88 -31.07
N ASP A 7 3.56 7.74 -30.77
CA ASP A 7 4.12 6.45 -30.43
C ASP A 7 3.83 6.08 -28.98
N TYR A 8 3.08 6.91 -28.23
CA TYR A 8 2.89 6.70 -26.79
C TYR A 8 1.43 6.91 -26.36
N HIS A 9 0.57 7.54 -27.18
CA HIS A 9 -0.78 7.90 -26.74
C HIS A 9 -1.52 6.70 -26.16
N GLU A 10 -1.18 5.50 -26.64
CA GLU A 10 -1.89 4.28 -26.27
C GLU A 10 -1.32 3.79 -24.95
N ASP A 11 0.00 3.66 -24.90
CA ASP A 11 0.70 3.23 -23.70
C ASP A 11 0.34 4.14 -22.54
N ILE A 12 0.21 5.45 -22.82
CA ILE A 12 -0.06 6.44 -21.82
C ILE A 12 -1.48 6.26 -21.29
N HIS A 13 -2.44 6.09 -22.22
CA HIS A 13 -3.85 5.93 -21.92
C HIS A 13 -4.06 4.70 -21.03
N THR A 14 -3.50 3.57 -21.48
CA THR A 14 -3.55 2.30 -20.76
C THR A 14 -3.10 2.54 -19.32
N TYR A 15 -2.04 3.34 -19.16
CA TYR A 15 -1.43 3.58 -17.87
C TYR A 15 -2.32 4.49 -17.03
N LEU A 16 -2.88 5.55 -17.63
CA LEU A 16 -3.73 6.45 -16.84
C LEU A 16 -4.92 5.68 -16.32
N ARG A 17 -5.43 4.79 -17.15
CA ARG A 17 -6.61 3.99 -16.75
C ARG A 17 -6.23 3.15 -15.52
N GLU A 18 -5.03 2.60 -15.51
CA GLU A 18 -4.63 1.72 -14.39
C GLU A 18 -4.28 2.59 -13.18
N MET A 19 -3.84 3.80 -13.41
CA MET A 19 -3.38 4.62 -12.31
C MET A 19 -4.54 5.35 -11.64
N GLU A 20 -5.61 5.60 -12.40
CA GLU A 20 -6.76 6.34 -11.89
C GLU A 20 -7.55 5.48 -10.91
N VAL A 21 -7.43 4.16 -11.05
CA VAL A 21 -8.00 3.19 -10.14
C VAL A 21 -7.23 3.26 -8.83
N LYS A 22 -5.91 3.50 -8.91
CA LYS A 22 -5.05 3.47 -7.74
C LYS A 22 -5.10 4.80 -6.99
N CYS A 23 -5.41 5.89 -7.67
CA CYS A 23 -5.54 7.19 -7.01
C CYS A 23 -6.98 7.46 -6.63
N LYS A 24 -7.83 6.43 -6.62
CA LYS A 24 -9.25 6.69 -6.44
C LYS A 24 -9.56 6.78 -4.95
N PRO A 25 -10.34 7.79 -4.50
CA PRO A 25 -10.71 7.90 -3.10
C PRO A 25 -11.74 6.88 -2.72
N LYS A 26 -11.97 6.75 -1.42
CA LYS A 26 -13.03 5.82 -0.95
C LYS A 26 -14.38 6.49 -1.23
N VAL A 27 -15.27 5.80 -1.95
CA VAL A 27 -16.55 6.43 -2.38
C VAL A 27 -17.40 6.92 -1.19
N GLY A 28 -17.38 6.23 -0.06
CA GLY A 28 -18.27 6.66 1.04
C GLY A 28 -17.50 7.24 2.21
N TYR A 29 -16.49 8.06 1.96
CA TYR A 29 -15.62 8.55 3.06
C TYR A 29 -16.39 9.55 3.90
N MET A 30 -17.27 10.33 3.29
CA MET A 30 -17.95 11.40 4.07
C MET A 30 -18.85 10.74 5.11
N LYS A 31 -19.41 9.58 4.80
CA LYS A 31 -20.22 8.92 5.82
C LYS A 31 -19.39 8.67 7.07
N LYS A 32 -18.07 8.46 6.94
CA LYS A 32 -17.21 8.05 8.04
C LYS A 32 -16.50 9.24 8.68
N GLN A 33 -16.68 10.44 8.09
CA GLN A 33 -16.20 11.71 8.64
C GLN A 33 -17.24 12.28 9.62
N PRO A 34 -16.98 12.23 10.95
CA PRO A 34 -18.03 12.53 11.93
C PRO A 34 -18.46 14.01 11.94
N ASP A 35 -17.65 14.86 11.31
CA ASP A 35 -17.87 16.29 11.47
C ASP A 35 -17.81 17.08 10.15
N ILE A 36 -17.73 16.40 8.99
CA ILE A 36 -17.80 17.08 7.70
C ILE A 36 -18.71 16.34 6.71
N THR A 37 -19.20 17.06 5.69
CA THR A 37 -20.36 16.67 4.90
C THR A 37 -20.13 17.01 3.43
N ASN A 38 -20.91 16.39 2.54
CA ASN A 38 -20.71 16.61 1.12
C ASN A 38 -20.91 18.09 0.79
N SER A 39 -21.87 18.74 1.47
CA SER A 39 -22.11 20.18 1.35
C SER A 39 -20.89 21.01 1.77
N MET A 40 -20.26 20.65 2.89
CA MET A 40 -19.10 21.41 3.33
C MET A 40 -18.00 21.31 2.28
N ARG A 41 -17.85 20.10 1.72
CA ARG A 41 -16.82 19.86 0.74
C ARG A 41 -17.13 20.68 -0.50
N ALA A 42 -18.41 20.69 -0.89
CA ALA A 42 -18.89 21.45 -2.04
C ALA A 42 -18.43 22.91 -1.91
N ILE A 43 -18.54 23.45 -0.69
CA ILE A 43 -18.18 24.83 -0.48
C ILE A 43 -16.67 25.00 -0.66
N LEU A 44 -15.91 24.04 -0.15
CA LEU A 44 -14.47 24.04 -0.26
C LEU A 44 -14.06 24.00 -1.72
N VAL A 45 -14.60 23.04 -2.49
CA VAL A 45 -14.21 22.85 -3.88
C VAL A 45 -14.53 24.12 -4.67
N ASP A 46 -15.67 24.74 -4.33
CA ASP A 46 -16.17 25.90 -5.04
C ASP A 46 -15.25 27.09 -4.82
N TRP A 47 -14.76 27.18 -3.59
CA TRP A 47 -13.80 28.19 -3.20
C TRP A 47 -12.45 27.99 -3.93
N LEU A 48 -11.99 26.74 -4.06
CA LEU A 48 -10.81 26.43 -4.86
C LEU A 48 -10.99 26.90 -6.31
N VAL A 49 -12.20 26.80 -6.84
CA VAL A 49 -12.45 27.30 -8.18
C VAL A 49 -12.11 28.80 -8.22
N GLU A 50 -12.65 29.57 -7.26
CA GLU A 50 -12.41 31.00 -7.20
C GLU A 50 -10.91 31.29 -7.14
N VAL A 51 -10.23 30.57 -6.24
CA VAL A 51 -8.80 30.72 -6.07
C VAL A 51 -8.13 30.47 -7.41
N GLY A 52 -8.57 29.45 -8.13
CA GLY A 52 -7.90 29.13 -9.40
C GLY A 52 -8.01 30.26 -10.38
N GLU A 53 -9.06 31.05 -10.29
CA GLU A 53 -9.28 32.15 -11.27
C GLU A 53 -8.54 33.41 -10.80
N GLU A 54 -8.53 33.65 -9.49
CA GLU A 54 -7.81 34.82 -8.95
C GLU A 54 -6.31 34.70 -9.25
N TYR A 55 -5.78 33.49 -9.23
CA TYR A 55 -4.32 33.30 -9.43
C TYR A 55 -4.07 32.78 -10.83
N LYS A 56 -5.13 32.72 -11.64
CA LYS A 56 -5.01 32.32 -13.04
C LYS A 56 -4.28 30.97 -13.13
N LEU A 57 -4.82 29.96 -12.45
CA LEU A 57 -4.22 28.64 -12.40
C LEU A 57 -4.85 27.73 -13.46
N GLN A 58 -4.05 26.78 -13.93
CA GLN A 58 -4.47 25.73 -14.84
C GLN A 58 -5.67 25.01 -14.24
N ASN A 59 -6.59 24.56 -15.12
CA ASN A 59 -7.69 23.75 -14.65
C ASN A 59 -7.18 22.43 -14.09
N GLU A 60 -6.06 21.93 -14.65
CA GLU A 60 -5.46 20.68 -14.20
C GLU A 60 -5.10 20.78 -12.72
N THR A 61 -4.67 21.99 -12.27
CA THR A 61 -4.24 22.24 -10.90
C THR A 61 -5.43 22.04 -9.95
N LEU A 62 -6.56 22.67 -10.28
CA LEU A 62 -7.80 22.51 -9.53
C LEU A 62 -8.19 21.04 -9.42
N HIS A 63 -8.07 20.29 -10.52
CA HIS A 63 -8.39 18.86 -10.54
C HIS A 63 -7.45 18.08 -9.64
N LEU A 64 -6.15 18.37 -9.71
CA LEU A 64 -5.21 17.69 -8.85
C LEU A 64 -5.54 17.97 -7.37
N ALA A 65 -5.85 19.24 -7.04
CA ALA A 65 -6.08 19.59 -5.65
C ALA A 65 -7.22 18.73 -5.09
N VAL A 66 -8.31 18.61 -5.88
CA VAL A 66 -9.49 17.93 -5.42
C VAL A 66 -9.17 16.43 -5.27
N ASN A 67 -8.31 15.89 -6.14
CA ASN A 67 -7.84 14.52 -5.98
C ASN A 67 -7.16 14.37 -4.61
N TYR A 68 -6.27 15.34 -4.29
CA TYR A 68 -5.44 15.30 -3.11
C TYR A 68 -6.38 15.27 -1.90
N ILE A 69 -7.30 16.25 -1.87
CA ILE A 69 -8.25 16.39 -0.77
C ILE A 69 -9.02 15.09 -0.52
N ASP A 70 -9.56 14.49 -1.60
CA ASP A 70 -10.48 13.37 -1.43
C ASP A 70 -9.72 12.17 -0.87
N ARG A 71 -8.47 11.99 -1.33
CA ARG A 71 -7.67 10.87 -0.83
C ARG A 71 -7.27 11.12 0.63
N PHE A 72 -6.91 12.38 0.93
CA PHE A 72 -6.54 12.79 2.27
C PHE A 72 -7.67 12.45 3.25
N LEU A 73 -8.90 12.83 2.88
CA LEU A 73 -10.08 12.65 3.71
C LEU A 73 -10.61 11.21 3.62
N SER A 74 -10.04 10.39 2.74
CA SER A 74 -10.35 8.96 2.77
C SER A 74 -9.56 8.28 3.89
N SER A 75 -8.53 8.97 4.41
CA SER A 75 -7.58 8.38 5.35
C SER A 75 -7.53 9.12 6.70
N MET A 76 -8.02 10.37 6.79
CA MET A 76 -7.81 11.18 7.99
C MET A 76 -9.11 11.86 8.37
N SER A 77 -9.50 11.75 9.64
CA SER A 77 -10.69 12.48 10.10
C SER A 77 -10.26 13.93 10.28
N VAL A 78 -11.14 14.85 9.92
CA VAL A 78 -10.78 16.26 9.95
C VAL A 78 -12.00 17.03 10.44
N LEU A 79 -11.77 18.01 11.32
CA LEU A 79 -12.87 18.85 11.83
C LEU A 79 -13.21 19.96 10.81
N ARG A 80 -14.42 20.52 10.89
CA ARG A 80 -14.85 21.53 9.89
C ARG A 80 -13.88 22.71 9.85
N GLY A 81 -13.39 23.12 11.02
CA GLY A 81 -12.53 24.31 11.06
C GLY A 81 -11.17 24.02 10.51
N LYS A 82 -10.89 22.77 10.18
CA LYS A 82 -9.61 22.50 9.55
C LYS A 82 -9.78 22.13 8.08
N LEU A 83 -11.02 22.00 7.61
CA LEU A 83 -11.30 21.54 6.26
C LEU A 83 -10.53 22.41 5.26
N GLN A 84 -10.58 23.72 5.50
CA GLN A 84 -9.98 24.69 4.60
C GLN A 84 -8.45 24.59 4.63
N LEU A 85 -7.89 24.31 5.80
CA LEU A 85 -6.45 24.12 5.87
C LEU A 85 -6.04 22.99 4.91
N VAL A 86 -6.78 21.87 4.95
CA VAL A 86 -6.51 20.75 4.08
C VAL A 86 -6.61 21.22 2.62
N GLY A 87 -7.68 21.97 2.33
CA GLY A 87 -7.91 22.49 0.98
C GLY A 87 -6.75 23.36 0.49
N THR A 88 -6.31 24.32 1.32
CA THR A 88 -5.29 25.29 0.95
C THR A 88 -4.01 24.55 0.62
N ALA A 89 -3.69 23.54 1.46
CA ALA A 89 -2.43 22.82 1.36
C ALA A 89 -2.44 21.99 0.09
N ALA A 90 -3.60 21.42 -0.24
CA ALA A 90 -3.71 20.59 -1.44
C ALA A 90 -3.51 21.46 -2.68
N MET A 91 -4.14 22.64 -2.68
CA MET A 91 -3.99 23.58 -3.76
C MET A 91 -2.52 23.98 -3.87
N LEU A 92 -1.87 24.25 -2.73
CA LEU A 92 -0.44 24.56 -2.75
C LEU A 92 0.38 23.46 -3.44
N LEU A 93 0.16 22.20 -3.07
CA LEU A 93 0.92 21.08 -3.62
C LEU A 93 0.65 20.92 -5.11
N ALA A 94 -0.64 20.95 -5.49
CA ALA A 94 -1.08 20.89 -6.87
C ALA A 94 -0.35 21.93 -7.71
N SER A 95 -0.27 23.15 -7.17
CA SER A 95 0.38 24.25 -7.84
C SER A 95 1.87 23.95 -8.02
N LYS A 96 2.53 23.49 -6.95
CA LYS A 96 3.95 23.19 -7.05
C LYS A 96 4.20 22.05 -8.06
N PHE A 97 3.28 21.07 -8.11
CA PHE A 97 3.42 19.98 -9.06
C PHE A 97 3.28 20.49 -10.50
N GLU A 98 2.25 21.31 -10.73
CA GLU A 98 1.68 21.46 -12.07
C GLU A 98 1.97 22.82 -12.70
N GLU A 99 2.14 23.87 -11.91
CA GLU A 99 2.22 25.21 -12.47
C GLU A 99 3.66 25.54 -12.84
N ILE A 100 3.84 26.30 -13.90
CA ILE A 100 5.16 26.81 -14.22
C ILE A 100 5.59 27.79 -13.14
N TYR A 101 4.70 28.74 -12.79
CA TYR A 101 4.96 29.76 -11.78
C TYR A 101 3.91 29.66 -10.69
N PRO A 102 4.03 28.70 -9.72
CA PRO A 102 3.03 28.56 -8.67
C PRO A 102 3.06 29.83 -7.83
N PRO A 103 1.94 30.16 -7.17
CA PRO A 103 1.94 31.23 -6.19
C PRO A 103 2.77 30.80 -4.98
N GLU A 104 3.32 31.82 -4.30
CA GLU A 104 4.09 31.63 -3.09
C GLU A 104 3.17 31.24 -1.95
N VAL A 105 3.77 30.65 -0.92
CA VAL A 105 2.98 30.19 0.20
C VAL A 105 2.18 31.34 0.81
N ALA A 106 2.84 32.51 0.85
CA ALA A 106 2.29 33.72 1.41
C ALA A 106 0.89 33.97 0.84
N GLU A 107 0.81 33.80 -0.48
CA GLU A 107 -0.39 34.05 -1.24
C GLU A 107 -1.50 33.10 -0.79
N PHE A 108 -1.15 31.88 -0.36
CA PHE A 108 -2.17 30.91 0.03
C PHE A 108 -2.67 31.24 1.43
N VAL A 109 -1.80 31.88 2.21
CA VAL A 109 -2.19 32.29 3.54
C VAL A 109 -3.10 33.50 3.44
N TYR A 110 -2.81 34.33 2.44
CA TYR A 110 -3.60 35.52 2.18
C TYR A 110 -5.05 35.13 1.91
N ILE A 111 -5.32 34.11 1.06
CA ILE A 111 -6.68 33.80 0.62
C ILE A 111 -7.55 33.06 1.66
N THR A 112 -6.96 32.50 2.72
CA THR A 112 -7.77 31.94 3.79
C THR A 112 -8.19 33.03 4.76
N ASP A 113 -7.89 34.30 4.40
CA ASP A 113 -8.20 35.52 5.17
C ASP A 113 -7.47 35.52 6.52
N ASP A 114 -6.23 34.99 6.52
CA ASP A 114 -5.48 34.65 7.73
C ASP A 114 -6.33 33.81 8.71
N THR A 115 -7.13 32.88 8.19
CA THR A 115 -7.77 31.92 9.06
C THR A 115 -6.65 31.12 9.75
N TYR A 116 -5.58 30.82 9.00
CA TYR A 116 -4.48 30.00 9.49
C TYR A 116 -3.16 30.77 9.41
N THR A 117 -2.13 30.28 10.10
CA THR A 117 -0.78 30.83 9.98
C THR A 117 -0.12 30.19 8.78
N LYS A 118 0.94 30.83 8.27
CA LYS A 118 1.80 30.26 7.25
C LYS A 118 2.30 28.89 7.71
N LYS A 119 2.63 28.80 9.02
CA LYS A 119 3.27 27.61 9.56
C LYS A 119 2.28 26.44 9.52
N GLN A 120 1.01 26.71 9.80
CA GLN A 120 -0.03 25.69 9.66
C GLN A 120 -0.16 25.21 8.22
N VAL A 121 -0.07 26.14 7.26
CA VAL A 121 -0.17 25.76 5.88
C VAL A 121 1.00 24.82 5.56
N LEU A 122 2.21 25.15 6.03
CA LEU A 122 3.37 24.36 5.63
C LEU A 122 3.38 22.98 6.30
N ARG A 123 2.96 22.94 7.56
CA ARG A 123 2.90 21.66 8.27
C ARG A 123 1.77 20.81 7.67
N MET A 124 0.71 21.43 7.18
CA MET A 124 -0.34 20.65 6.56
C MET A 124 0.16 20.12 5.22
N GLU A 125 0.93 20.95 4.52
CA GLU A 125 1.58 20.51 3.30
C GLU A 125 2.35 19.21 3.55
N HIS A 126 3.19 19.19 4.58
CA HIS A 126 4.00 18.02 4.86
C HIS A 126 3.10 16.82 5.18
N LEU A 127 2.07 17.05 6.00
CA LEU A 127 1.16 15.98 6.39
C LEU A 127 0.48 15.42 5.15
N VAL A 128 0.05 16.28 4.25
CA VAL A 128 -0.67 15.78 3.09
C VAL A 128 0.26 14.94 2.21
N LEU A 129 1.55 15.33 2.16
CA LEU A 129 2.52 14.60 1.37
C LEU A 129 2.69 13.22 1.98
N LYS A 130 2.71 13.18 3.33
CA LYS A 130 2.98 11.94 4.05
C LYS A 130 1.80 11.00 3.86
N VAL A 131 0.57 11.53 4.00
CA VAL A 131 -0.64 10.74 3.88
C VAL A 131 -0.72 10.11 2.50
N LEU A 132 -0.45 10.89 1.44
CA LEU A 132 -0.57 10.42 0.06
C LEU A 132 0.68 9.65 -0.30
N ALA A 133 1.70 9.72 0.56
CA ALA A 133 2.96 9.06 0.26
C ALA A 133 3.60 9.60 -1.04
N PHE A 134 3.37 10.88 -1.33
CA PHE A 134 3.97 11.52 -2.50
C PHE A 134 3.40 11.01 -3.83
N ASP A 135 2.35 10.18 -3.81
CA ASP A 135 1.71 9.74 -5.06
C ASP A 135 0.84 10.90 -5.54
N LEU A 136 1.47 11.85 -6.24
CA LEU A 136 0.80 13.08 -6.66
C LEU A 136 0.41 13.05 -8.14
N ALA A 137 1.05 12.20 -8.99
CA ALA A 137 0.81 12.27 -10.42
C ALA A 137 -0.50 11.56 -10.75
N ALA A 138 -1.61 12.19 -10.32
CA ALA A 138 -2.94 11.60 -10.42
C ALA A 138 -3.46 11.88 -11.81
N PRO A 139 -4.04 10.88 -12.49
CA PRO A 139 -4.78 11.11 -13.72
C PRO A 139 -6.05 11.84 -13.29
N THR A 140 -6.38 12.88 -14.04
CA THR A 140 -7.54 13.73 -13.81
C THR A 140 -8.56 13.57 -14.96
N ILE A 141 -9.77 14.06 -14.69
CA ILE A 141 -10.79 14.18 -15.72
C ILE A 141 -10.18 14.88 -16.93
N ASN A 142 -9.47 15.99 -16.70
CA ASN A 142 -8.91 16.80 -17.77
C ASN A 142 -7.95 15.99 -18.63
N GLN A 143 -7.18 15.09 -18.01
CA GLN A 143 -6.13 14.39 -18.74
C GLN A 143 -6.74 13.44 -19.77
N PHE A 144 -7.94 12.94 -19.47
CA PHE A 144 -8.76 12.13 -20.35
C PHE A 144 -9.49 12.99 -21.38
N LEU A 145 -10.01 14.15 -20.93
CA LEU A 145 -10.73 15.05 -21.82
C LEU A 145 -9.86 15.47 -23.00
N THR A 146 -8.61 15.86 -22.72
CA THR A 146 -7.76 16.35 -23.80
C THR A 146 -7.51 15.22 -24.79
N GLN A 147 -7.36 13.99 -24.30
CA GLN A 147 -7.04 12.85 -25.14
C GLN A 147 -8.23 12.48 -26.02
N TYR A 148 -9.43 12.74 -25.48
CA TYR A 148 -10.68 12.48 -26.17
C TYR A 148 -10.94 13.55 -27.24
N PHE A 149 -10.53 14.81 -26.97
CA PHE A 149 -10.74 15.91 -27.90
C PHE A 149 -10.10 15.57 -29.26
N LEU A 150 -8.98 14.84 -29.21
CA LEU A 150 -8.24 14.48 -30.40
C LEU A 150 -9.09 13.70 -31.42
N HIS A 151 -10.20 13.09 -30.98
CA HIS A 151 -11.04 12.29 -31.84
C HIS A 151 -12.04 13.15 -32.61
N GLN A 152 -12.24 14.39 -32.11
CA GLN A 152 -13.04 15.37 -32.82
C GLN A 152 -12.46 15.58 -34.21
N GLN A 153 -13.36 15.73 -35.18
CA GLN A 153 -13.05 15.96 -36.59
C GLN A 153 -14.11 16.92 -37.14
N PRO A 154 -13.83 18.24 -37.21
CA PRO A 154 -12.60 18.84 -36.68
C PRO A 154 -12.86 19.11 -35.21
N ALA A 155 -11.88 19.75 -34.53
CA ALA A 155 -12.06 20.26 -33.18
C ALA A 155 -13.06 21.41 -33.21
N ASN A 156 -13.88 21.51 -32.15
CA ASN A 156 -14.80 22.62 -31.90
C ASN A 156 -14.55 23.13 -30.48
N CYS A 157 -14.19 24.42 -30.40
CA CYS A 157 -13.91 25.13 -29.17
C CYS A 157 -15.07 25.02 -28.18
N LYS A 158 -16.31 25.16 -28.69
CA LYS A 158 -17.46 25.11 -27.81
C LYS A 158 -17.61 23.73 -27.16
N VAL A 159 -17.34 22.66 -27.92
CA VAL A 159 -17.37 21.31 -27.37
C VAL A 159 -16.31 21.20 -26.25
N GLU A 160 -15.12 21.76 -26.47
CA GLU A 160 -14.02 21.60 -25.54
C GLU A 160 -14.37 22.29 -24.22
N SER A 161 -14.77 23.56 -24.31
CA SER A 161 -15.20 24.33 -23.15
C SER A 161 -16.35 23.64 -22.41
N LEU A 162 -17.43 23.32 -23.12
CA LEU A 162 -18.59 22.76 -22.46
C LEU A 162 -18.22 21.47 -21.72
N ALA A 163 -17.37 20.63 -22.32
CA ALA A 163 -16.97 19.40 -21.67
C ALA A 163 -16.10 19.70 -20.46
N MET A 164 -15.23 20.73 -20.55
CA MET A 164 -14.39 21.12 -19.43
C MET A 164 -15.28 21.54 -18.25
N PHE A 165 -16.24 22.42 -18.56
CA PHE A 165 -17.22 22.96 -17.63
C PHE A 165 -18.03 21.87 -16.94
N LEU A 166 -18.47 20.86 -17.72
CA LEU A 166 -19.27 19.77 -17.18
C LEU A 166 -18.39 18.93 -16.26
N GLY A 167 -17.11 18.77 -16.62
CA GLY A 167 -16.15 18.09 -15.77
C GLY A 167 -15.99 18.75 -14.40
N GLU A 168 -15.92 20.10 -14.39
CA GLU A 168 -15.72 20.84 -13.15
C GLU A 168 -16.99 20.84 -12.30
N LEU A 169 -18.16 20.75 -12.95
CA LEU A 169 -19.39 20.67 -12.20
C LEU A 169 -19.36 19.44 -11.30
N SER A 170 -18.69 18.38 -11.76
CA SER A 170 -18.68 17.10 -11.06
C SER A 170 -17.84 17.20 -9.78
N LEU A 171 -16.77 18.02 -9.84
CA LEU A 171 -15.83 18.20 -8.72
C LEU A 171 -16.57 18.53 -7.42
N ILE A 172 -17.70 19.23 -7.55
CA ILE A 172 -18.40 19.89 -6.46
C ILE A 172 -19.15 18.88 -5.60
N ASP A 173 -19.71 17.85 -6.25
CA ASP A 173 -20.67 16.95 -5.63
C ASP A 173 -20.12 15.54 -5.50
N ALA A 174 -19.54 15.24 -4.33
CA ALA A 174 -18.97 13.92 -4.06
C ALA A 174 -20.04 12.85 -4.26
N ASP A 175 -21.28 13.17 -3.86
CA ASP A 175 -22.40 12.33 -4.25
C ASP A 175 -23.13 13.01 -5.40
N PRO A 176 -23.22 12.37 -6.59
CA PRO A 176 -22.72 11.01 -6.80
C PRO A 176 -21.29 10.77 -7.30
N TYR A 177 -20.56 11.84 -7.65
CA TYR A 177 -19.47 11.72 -8.61
C TYR A 177 -18.26 10.92 -8.13
N LEU A 178 -18.05 10.79 -6.82
CA LEU A 178 -16.98 9.95 -6.31
C LEU A 178 -17.09 8.49 -6.77
N LYS A 179 -18.27 8.08 -7.27
CA LYS A 179 -18.40 6.68 -7.62
C LYS A 179 -18.02 6.43 -9.07
N TYR A 180 -17.75 7.49 -9.84
CA TYR A 180 -17.29 7.33 -11.21
C TYR A 180 -15.78 7.54 -11.27
N LEU A 181 -15.06 6.72 -12.05
CA LEU A 181 -13.67 7.01 -12.36
C LEU A 181 -13.59 8.28 -13.20
N PRO A 182 -12.42 8.96 -13.23
CA PRO A 182 -12.22 10.13 -14.09
C PRO A 182 -12.52 9.93 -15.56
N SER A 183 -12.04 8.81 -16.10
CA SER A 183 -12.19 8.52 -17.52
C SER A 183 -13.65 8.29 -17.89
N VAL A 184 -14.47 7.89 -16.91
CA VAL A 184 -15.90 7.74 -17.09
C VAL A 184 -16.58 9.11 -17.09
N ILE A 185 -16.31 9.90 -16.05
CA ILE A 185 -16.86 11.25 -15.97
C ILE A 185 -16.47 12.01 -17.23
N ALA A 186 -15.23 11.83 -17.67
CA ALA A 186 -14.66 12.59 -18.76
C ALA A 186 -15.44 12.27 -20.03
N ALA A 187 -15.66 10.97 -20.26
CA ALA A 187 -16.45 10.50 -21.39
C ALA A 187 -17.86 11.10 -21.31
N ALA A 188 -18.60 10.81 -20.24
CA ALA A 188 -19.95 11.34 -20.09
C ALA A 188 -19.97 12.83 -20.43
N ALA A 189 -19.00 13.57 -19.90
CA ALA A 189 -18.92 15.01 -20.08
C ALA A 189 -18.72 15.37 -21.56
N PHE A 190 -17.83 14.63 -22.23
CA PHE A 190 -17.55 14.83 -23.64
C PHE A 190 -18.75 14.47 -24.51
N HIS A 191 -19.34 13.29 -24.27
CA HIS A 191 -20.52 12.89 -25.02
C HIS A 191 -21.59 13.97 -24.89
N LEU A 192 -21.76 14.46 -23.65
CA LEU A 192 -22.86 15.34 -23.33
C LEU A 192 -22.62 16.74 -23.90
N ALA A 193 -21.36 17.18 -23.95
CA ALA A 193 -21.03 18.48 -24.53
C ALA A 193 -21.15 18.46 -26.04
N LEU A 194 -20.72 17.35 -26.66
CA LEU A 194 -20.72 17.18 -28.10
C LEU A 194 -22.17 17.04 -28.59
N TYR A 195 -22.98 16.22 -27.90
CA TYR A 195 -24.40 16.07 -28.20
C TYR A 195 -25.11 17.41 -28.20
N THR A 196 -24.65 18.33 -27.35
CA THR A 196 -25.38 19.56 -27.04
C THR A 196 -25.17 20.59 -28.15
N VAL A 197 -23.93 20.65 -28.67
CA VAL A 197 -23.55 21.73 -29.54
C VAL A 197 -23.68 21.32 -31.01
N THR A 198 -23.55 20.01 -31.26
CA THR A 198 -23.47 19.47 -32.61
C THR A 198 -24.66 18.52 -32.88
N GLY A 199 -24.91 17.63 -31.93
CA GLY A 199 -25.99 16.64 -32.09
C GLY A 199 -25.36 15.27 -32.21
N GLN A 200 -24.04 15.25 -32.34
CA GLN A 200 -23.32 13.96 -32.53
C GLN A 200 -23.18 13.24 -31.19
N SER A 201 -22.59 12.06 -31.18
CA SER A 201 -22.51 11.28 -29.93
C SER A 201 -21.12 10.67 -29.73
N TRP A 202 -20.91 10.03 -28.59
CA TRP A 202 -19.62 9.35 -28.31
C TRP A 202 -19.11 8.69 -29.56
N PRO A 203 -17.95 9.11 -30.09
CA PRO A 203 -17.37 8.51 -31.27
C PRO A 203 -17.10 7.03 -31.11
N GLU A 204 -17.19 6.29 -32.21
CA GLU A 204 -16.89 4.84 -32.17
C GLU A 204 -15.37 4.69 -32.00
N SER A 205 -14.62 5.67 -32.49
CA SER A 205 -13.18 5.62 -32.30
C SER A 205 -12.78 5.71 -30.82
N LEU A 206 -13.58 6.44 -30.04
CA LEU A 206 -13.36 6.49 -28.59
C LEU A 206 -13.89 5.21 -27.94
N VAL A 207 -14.98 4.64 -28.48
CA VAL A 207 -15.40 3.33 -28.01
C VAL A 207 -14.23 2.37 -28.11
N GLN A 208 -13.52 2.42 -29.25
CA GLN A 208 -12.40 1.52 -29.51
C GLN A 208 -11.19 1.88 -28.64
N LYS A 209 -11.05 3.16 -28.27
CA LYS A 209 -9.95 3.54 -27.39
C LYS A 209 -10.23 3.06 -25.97
N THR A 210 -11.44 3.35 -25.48
CA THR A 210 -11.79 3.31 -24.05
C THR A 210 -12.44 1.99 -23.64
N GLY A 211 -13.13 1.33 -24.59
CA GLY A 211 -13.93 0.18 -24.24
C GLY A 211 -15.27 0.60 -23.63
N TYR A 212 -15.50 1.91 -23.54
CA TYR A 212 -16.72 2.47 -23.00
C TYR A 212 -17.74 2.69 -24.11
N THR A 213 -18.87 1.99 -24.04
CA THR A 213 -20.03 2.28 -24.87
C THR A 213 -20.97 3.24 -24.15
N LEU A 214 -21.98 3.74 -24.87
CA LEU A 214 -23.00 4.59 -24.27
C LEU A 214 -23.75 3.82 -23.18
N GLU A 215 -23.97 2.52 -23.42
CA GLU A 215 -24.59 1.69 -22.41
C GLU A 215 -23.80 1.83 -21.10
N THR A 216 -22.47 1.71 -21.18
CA THR A 216 -21.66 1.75 -19.98
C THR A 216 -21.58 3.16 -19.39
N LEU A 217 -21.76 4.19 -20.23
CA LEU A 217 -21.68 5.56 -19.75
C LEU A 217 -23.05 6.07 -19.33
N LYS A 218 -24.08 5.24 -19.42
CA LYS A 218 -25.43 5.74 -19.24
C LYS A 218 -25.65 6.20 -17.80
N PRO A 219 -25.28 5.40 -16.76
CA PRO A 219 -25.51 5.80 -15.37
C PRO A 219 -24.92 7.17 -15.06
N CYS A 220 -23.66 7.36 -15.47
CA CYS A 220 -22.91 8.59 -15.30
C CYS A 220 -23.52 9.74 -16.12
N LEU A 221 -23.85 9.46 -17.39
CA LEU A 221 -24.53 10.39 -18.28
C LEU A 221 -25.84 10.91 -17.67
N LEU A 222 -26.57 10.03 -16.98
CA LEU A 222 -27.85 10.37 -16.36
C LEU A 222 -27.61 11.36 -15.22
N ASP A 223 -26.66 11.02 -14.34
CA ASP A 223 -26.31 11.84 -13.18
C ASP A 223 -25.89 13.23 -13.66
N LEU A 224 -25.11 13.28 -14.75
CA LEU A 224 -24.41 14.48 -15.20
C LEU A 224 -25.36 15.40 -15.95
N HIS A 225 -26.21 14.82 -16.79
CA HIS A 225 -27.31 15.52 -17.41
C HIS A 225 -28.16 16.26 -16.37
N GLN A 226 -28.43 15.60 -15.23
CA GLN A 226 -29.23 16.15 -14.15
C GLN A 226 -28.48 17.29 -13.46
N THR A 227 -27.17 17.13 -13.31
CA THR A 227 -26.32 18.19 -12.78
C THR A 227 -26.37 19.41 -13.71
N TYR A 228 -26.37 19.16 -15.03
CA TYR A 228 -26.27 20.23 -16.02
C TYR A 228 -27.54 21.08 -15.94
N LEU A 229 -28.68 20.37 -15.79
CA LEU A 229 -30.03 20.95 -15.82
C LEU A 229 -30.32 21.74 -14.55
N ARG A 230 -29.86 21.27 -13.40
CA ARG A 230 -30.10 21.90 -12.11
C ARG A 230 -29.02 22.93 -11.80
N ALA A 231 -28.02 23.03 -12.68
CA ALA A 231 -26.82 23.82 -12.43
C ALA A 231 -27.11 25.27 -12.04
N PRO A 232 -27.99 26.01 -12.75
CA PRO A 232 -28.33 27.38 -12.36
C PRO A 232 -28.82 27.55 -10.92
N GLN A 233 -29.34 26.47 -10.34
CA GLN A 233 -30.00 26.49 -9.04
C GLN A 233 -29.11 25.92 -7.93
N HIS A 234 -27.91 25.43 -8.30
CA HIS A 234 -27.00 24.85 -7.33
C HIS A 234 -26.59 25.91 -6.31
N ALA A 235 -26.23 25.49 -5.10
CA ALA A 235 -25.74 26.42 -4.10
C ALA A 235 -24.42 27.01 -4.56
N GLN A 236 -23.63 26.24 -5.33
CA GLN A 236 -22.33 26.67 -5.81
C GLN A 236 -22.36 27.05 -7.30
N GLN A 237 -21.83 28.25 -7.59
CA GLN A 237 -22.03 28.94 -8.85
C GLN A 237 -20.71 29.36 -9.48
N SER A 238 -19.60 29.28 -8.71
CA SER A 238 -18.34 29.86 -9.12
C SER A 238 -17.95 29.31 -10.49
N ILE A 239 -18.30 28.04 -10.74
CA ILE A 239 -17.92 27.39 -11.98
C ILE A 239 -18.76 27.96 -13.12
N ARG A 240 -20.08 28.13 -12.90
CA ARG A 240 -20.94 28.76 -13.90
C ARG A 240 -20.42 30.15 -14.29
N GLU A 241 -19.99 30.92 -13.28
CA GLU A 241 -19.49 32.27 -13.48
C GLU A 241 -18.22 32.20 -14.33
N LYS A 242 -17.34 31.27 -13.97
CA LYS A 242 -16.06 31.12 -14.64
C LYS A 242 -16.29 30.90 -16.13
N TYR A 243 -17.30 30.08 -16.49
CA TYR A 243 -17.52 29.62 -17.86
C TYR A 243 -18.58 30.48 -18.56
N LYS A 244 -18.91 31.64 -18.00
CA LYS A 244 -19.62 32.68 -18.72
C LYS A 244 -18.65 33.46 -19.59
N ASN A 245 -17.39 33.53 -19.15
CA ASN A 245 -16.41 34.40 -19.78
C ASN A 245 -16.14 33.99 -21.22
N SER A 246 -15.63 34.96 -21.98
CA SER A 246 -15.28 34.70 -23.36
C SER A 246 -14.12 33.71 -23.41
N LYS A 247 -13.27 33.69 -22.38
CA LYS A 247 -12.20 32.71 -22.33
C LYS A 247 -12.72 31.32 -22.70
N TYR A 248 -13.88 30.92 -22.14
CA TYR A 248 -14.45 29.58 -22.30
C TYR A 248 -15.67 29.59 -23.22
N HIS A 249 -15.80 30.62 -24.06
CA HIS A 249 -16.79 30.68 -25.13
C HIS A 249 -18.20 30.74 -24.56
N GLY A 250 -18.30 31.14 -23.27
CA GLY A 250 -19.58 31.36 -22.60
C GLY A 250 -20.49 30.13 -22.58
N VAL A 251 -19.92 28.93 -22.53
CA VAL A 251 -20.68 27.70 -22.66
C VAL A 251 -21.69 27.52 -21.51
N SER A 252 -21.42 28.18 -20.37
CA SER A 252 -22.31 28.04 -19.22
C SER A 252 -23.65 28.75 -19.48
N LEU A 253 -23.64 29.79 -20.33
CA LEU A 253 -24.87 30.46 -20.72
C LEU A 253 -25.64 29.65 -21.78
N LEU A 254 -25.06 28.57 -22.30
CA LEU A 254 -25.76 27.70 -23.24
C LEU A 254 -26.81 26.87 -22.50
N ASN A 255 -28.03 26.86 -23.02
CA ASN A 255 -29.12 26.10 -22.40
C ASN A 255 -28.93 24.62 -22.68
N PRO A 256 -28.99 23.77 -21.63
CA PRO A 256 -28.85 22.32 -21.79
C PRO A 256 -29.97 21.63 -22.55
N PRO A 257 -29.71 20.50 -23.25
CA PRO A 257 -30.76 19.79 -23.99
C PRO A 257 -31.66 19.08 -22.99
N GLU A 258 -32.93 18.86 -23.34
CA GLU A 258 -33.90 18.39 -22.37
C GLU A 258 -33.87 16.87 -22.25
N THR A 259 -33.64 16.15 -23.35
CA THR A 259 -33.49 14.69 -23.27
C THR A 259 -32.24 14.25 -24.03
N LEU A 260 -31.69 13.09 -23.66
CA LEU A 260 -30.45 12.62 -24.31
C LEU A 260 -30.80 11.52 -25.32
N ASN A 261 -32.08 11.23 -25.50
CA ASN A 261 -32.52 10.21 -26.49
C ASN A 261 -31.70 8.93 -26.28
N VAL A 262 -31.90 8.27 -25.14
CA VAL A 262 -31.12 7.04 -24.83
C VAL A 262 -29.65 7.28 -25.22
N GLY B 3 2.11 10.26 10.32
CA GLY B 3 2.08 10.73 11.73
C GLY B 3 3.47 10.97 12.33
N SER B 4 3.61 12.07 13.08
CA SER B 4 4.77 12.42 13.89
C SER B 4 4.30 13.18 15.14
N MET B 5 5.15 13.19 16.18
CA MET B 5 4.70 13.64 17.49
C MET B 5 4.68 15.15 17.58
N GLU B 6 5.20 15.84 16.56
CA GLU B 6 5.17 17.31 16.53
C GLU B 6 3.75 17.81 16.22
N ASN B 7 2.92 16.94 15.67
CA ASN B 7 1.57 17.31 15.29
C ASN B 7 0.55 17.00 16.39
N PHE B 8 0.96 16.32 17.47
CA PHE B 8 0.05 16.08 18.58
C PHE B 8 0.34 17.04 19.74
N GLN B 9 -0.73 17.53 20.36
CA GLN B 9 -0.67 18.23 21.62
C GLN B 9 -1.34 17.36 22.68
N LYS B 10 -0.57 16.94 23.69
CA LYS B 10 -1.09 16.16 24.79
C LYS B 10 -2.03 17.04 25.59
N VAL B 11 -3.11 16.43 26.08
CA VAL B 11 -4.21 17.14 26.72
C VAL B 11 -4.27 16.71 28.19
N GLU B 12 -4.23 15.39 28.45
CA GLU B 12 -4.09 14.84 29.80
C GLU B 12 -3.90 13.33 29.75
N LYS B 13 -3.41 12.76 30.88
CA LYS B 13 -3.22 11.34 31.09
C LYS B 13 -4.59 10.69 31.26
N ILE B 14 -4.80 9.48 30.72
CA ILE B 14 -6.14 8.94 30.77
C ILE B 14 -6.14 7.50 31.24
N GLY B 15 -4.94 6.91 31.32
CA GLY B 15 -4.78 5.51 31.78
C GLY B 15 -3.32 5.12 31.76
N GLU B 16 -2.98 3.98 32.36
CA GLU B 16 -1.59 3.49 32.38
C GLU B 16 -1.56 2.01 32.03
N GLY B 17 -0.37 1.39 31.94
CA GLY B 17 -0.26 -0.03 31.53
C GLY B 17 1.07 -0.63 31.92
N THR B 18 1.37 -1.84 31.41
CA THR B 18 2.60 -2.55 31.82
C THR B 18 3.78 -2.11 31.00
N TYR B 19 3.54 -1.50 29.84
CA TYR B 19 4.68 -0.97 29.05
C TYR B 19 4.52 0.54 28.86
N GLY B 20 3.40 1.13 29.32
CA GLY B 20 3.28 2.57 29.04
C GLY B 20 2.04 3.25 29.56
N VAL B 21 1.90 4.54 29.23
CA VAL B 21 0.76 5.36 29.72
C VAL B 21 -0.10 5.76 28.53
N VAL B 22 -1.37 6.08 28.78
CA VAL B 22 -2.24 6.56 27.68
C VAL B 22 -2.61 8.03 27.88
N TYR B 23 -2.24 8.90 26.94
CA TYR B 23 -2.70 10.28 26.91
C TYR B 23 -3.83 10.44 25.90
N LYS B 24 -4.74 11.37 26.20
CA LYS B 24 -5.65 11.94 25.22
C LYS B 24 -4.96 13.14 24.59
N ALA B 25 -4.98 13.20 23.26
CA ALA B 25 -4.28 14.25 22.56
C ALA B 25 -5.12 14.76 21.39
N ARG B 26 -4.72 15.92 20.91
CA ARG B 26 -5.39 16.63 19.84
C ARG B 26 -4.38 16.73 18.69
N ASN B 27 -4.81 16.29 17.50
CA ASN B 27 -4.05 16.48 16.27
C ASN B 27 -4.13 17.97 15.96
N LYS B 28 -2.98 18.61 15.77
CA LYS B 28 -2.96 20.05 15.76
C LYS B 28 -3.31 20.56 14.37
N LEU B 29 -3.41 19.64 13.41
CA LEU B 29 -3.56 20.06 12.03
C LEU B 29 -4.98 19.75 11.55
N THR B 30 -5.46 18.56 11.90
CA THR B 30 -6.78 18.13 11.49
C THR B 30 -7.84 18.48 12.54
N GLY B 31 -7.45 18.53 13.82
CA GLY B 31 -8.34 18.80 14.94
C GLY B 31 -8.73 17.52 15.68
N GLU B 32 -8.19 16.37 15.24
CA GLU B 32 -8.71 15.08 15.66
C GLU B 32 -8.18 14.73 17.05
N VAL B 33 -9.06 14.17 17.88
CA VAL B 33 -8.76 13.84 19.25
C VAL B 33 -8.41 12.37 19.29
N VAL B 34 -7.24 12.05 19.84
CA VAL B 34 -6.74 10.67 19.75
C VAL B 34 -6.36 10.18 21.13
N ALA B 35 -6.04 8.90 21.23
CA ALA B 35 -5.41 8.40 22.43
C ALA B 35 -4.03 7.85 22.07
N LEU B 36 -2.96 8.49 22.57
CA LEU B 36 -1.61 8.00 22.35
C LEU B 36 -1.29 7.03 23.45
N LYS B 37 -0.95 5.79 23.11
CA LYS B 37 -0.44 4.81 24.05
C LYS B 37 1.07 4.73 23.86
N LYS B 38 1.84 5.20 24.85
CA LYS B 38 3.30 5.12 24.81
C LYS B 38 3.76 3.72 25.22
N ILE B 39 4.79 3.23 24.54
CA ILE B 39 5.43 1.95 24.82
C ILE B 39 6.93 2.18 24.70
N ARG B 40 7.62 2.17 25.85
CA ARG B 40 9.08 2.40 25.85
C ARG B 40 9.77 1.10 25.45
N LEU B 41 10.72 1.18 24.53
CA LEU B 41 11.36 -0.07 24.02
C LEU B 41 12.70 -0.25 24.73
N THR B 45 15.02 -4.51 26.59
CA THR B 45 16.11 -5.50 26.44
C THR B 45 15.58 -6.69 25.70
N GLU B 46 14.28 -6.96 25.86
CA GLU B 46 13.68 -8.15 25.21
C GLU B 46 13.23 -7.70 23.82
N GLY B 47 13.65 -6.51 23.42
CA GLY B 47 13.21 -5.97 22.11
C GLY B 47 11.77 -5.51 22.18
N VAL B 48 11.04 -5.59 21.07
CA VAL B 48 9.67 -5.10 21.05
C VAL B 48 8.79 -6.13 21.73
N PRO B 49 7.95 -5.75 22.71
CA PRO B 49 7.26 -6.71 23.55
C PRO B 49 6.21 -7.42 22.73
N SER B 50 6.00 -8.70 23.02
CA SER B 50 5.10 -9.53 22.22
C SER B 50 3.67 -9.03 22.32
N THR B 51 3.24 -8.47 23.48
CA THR B 51 1.87 -8.00 23.58
C THR B 51 1.63 -6.89 22.56
N ALA B 52 2.64 -6.05 22.35
CA ALA B 52 2.56 -4.92 21.44
C ALA B 52 2.55 -5.39 20.00
N ILE B 53 3.31 -6.45 19.69
CA ILE B 53 3.43 -6.98 18.34
C ILE B 53 2.10 -7.58 17.85
N ARG B 54 1.39 -8.27 18.75
CA ARG B 54 0.07 -8.75 18.45
C ARG B 54 -0.92 -7.59 18.39
N GLU B 55 -0.84 -6.66 19.34
CA GLU B 55 -1.84 -5.59 19.40
C GLU B 55 -1.90 -4.93 18.03
N ILE B 56 -0.71 -4.57 17.54
CA ILE B 56 -0.56 -3.74 16.36
C ILE B 56 -0.93 -4.58 15.15
N SER B 57 -0.33 -5.78 15.01
CA SER B 57 -0.56 -6.59 13.82
C SER B 57 -2.03 -6.99 13.68
N LEU B 58 -2.70 -7.25 14.79
CA LEU B 58 -4.06 -7.71 14.72
C LEU B 58 -5.00 -6.53 14.51
N LEU B 59 -4.66 -5.35 15.06
CA LEU B 59 -5.60 -4.24 14.99
C LEU B 59 -5.55 -3.58 13.62
N LYS B 60 -4.37 -3.63 13.00
CA LYS B 60 -4.16 -3.21 11.64
C LYS B 60 -5.30 -3.69 10.74
N GLU B 61 -5.59 -4.99 10.79
CA GLU B 61 -6.58 -5.57 9.83
C GLU B 61 -7.98 -5.74 10.42
N LEU B 62 -8.27 -5.13 11.57
CA LEU B 62 -9.62 -5.21 12.08
C LEU B 62 -10.25 -3.83 11.95
N ASN B 63 -10.88 -3.55 10.81
CA ASN B 63 -11.58 -2.29 10.67
C ASN B 63 -13.07 -2.56 10.88
N HIS B 64 -13.61 -2.06 11.99
CA HIS B 64 -15.01 -2.29 12.30
C HIS B 64 -15.48 -1.17 13.24
N PRO B 65 -16.71 -0.63 13.04
CA PRO B 65 -17.23 0.42 13.92
C PRO B 65 -17.20 0.09 15.40
N ASN B 66 -17.31 -1.20 15.76
CA ASN B 66 -17.32 -1.65 17.15
C ASN B 66 -15.97 -2.25 17.59
N ILE B 67 -14.92 -1.91 16.87
CA ILE B 67 -13.57 -2.16 17.34
C ILE B 67 -12.84 -0.82 17.26
N VAL B 68 -12.18 -0.47 18.36
CA VAL B 68 -11.39 0.74 18.48
C VAL B 68 -10.38 0.72 17.35
N LYS B 69 -10.22 1.88 16.73
CA LYS B 69 -9.45 1.95 15.50
C LYS B 69 -8.04 2.43 15.83
N LEU B 70 -7.06 1.61 15.44
CA LEU B 70 -5.67 2.02 15.43
C LEU B 70 -5.50 2.94 14.23
N LEU B 71 -5.08 4.18 14.47
CA LEU B 71 -4.99 5.18 13.38
C LEU B 71 -3.57 5.24 12.84
N ASP B 72 -2.58 5.06 13.70
CA ASP B 72 -1.16 5.03 13.24
C ASP B 72 -0.25 4.47 14.32
N VAL B 73 0.95 4.04 13.93
CA VAL B 73 1.98 3.59 14.90
C VAL B 73 3.21 4.44 14.60
N ILE B 74 3.59 5.32 15.52
CA ILE B 74 4.80 6.17 15.33
C ILE B 74 5.98 5.46 15.98
N HIS B 75 7.00 5.14 15.20
CA HIS B 75 8.16 4.37 15.71
C HIS B 75 9.35 5.28 15.94
N THR B 76 9.57 5.69 17.18
CA THR B 76 10.81 6.44 17.45
C THR B 76 11.81 5.41 17.90
N GLU B 77 12.98 5.84 18.34
CA GLU B 77 13.90 4.84 18.95
C GLU B 77 13.60 4.90 20.44
N ASN B 78 13.48 3.75 21.09
CA ASN B 78 13.21 3.67 22.54
C ASN B 78 11.75 4.01 22.81
N LYS B 79 10.97 4.38 21.80
CA LYS B 79 9.53 4.62 22.08
C LYS B 79 8.62 4.21 20.91
N LEU B 80 7.51 3.55 21.21
CA LEU B 80 6.51 3.22 20.17
C LEU B 80 5.20 3.90 20.58
N TYR B 81 4.61 4.67 19.67
CA TYR B 81 3.36 5.41 19.99
C TYR B 81 2.24 4.86 19.15
N LEU B 82 1.22 4.33 19.81
CA LEU B 82 0.06 3.81 19.12
C LEU B 82 -1.00 4.91 19.12
N VAL B 83 -1.25 5.49 17.95
CA VAL B 83 -2.33 6.52 17.84
C VAL B 83 -3.67 5.79 17.67
N PHE B 84 -4.61 6.07 18.57
CA PHE B 84 -5.92 5.38 18.53
C PHE B 84 -7.02 6.39 18.51
N GLU B 85 -8.19 5.98 18.04
CA GLU B 85 -9.36 6.88 18.12
C GLU B 85 -9.69 7.09 19.60
N PHE B 86 -10.32 8.21 19.93
CA PHE B 86 -10.56 8.53 21.35
C PHE B 86 -12.00 8.23 21.71
N LEU B 87 -12.17 7.50 22.81
CA LEU B 87 -13.53 7.25 23.34
C LEU B 87 -13.48 7.81 24.75
N HIS B 88 -14.55 8.46 25.19
N HIS B 88 -14.52 8.51 25.19
CA HIS B 88 -14.52 9.23 26.47
CA HIS B 88 -14.46 9.24 26.49
C HIS B 88 -14.68 8.37 27.73
C HIS B 88 -14.62 8.35 27.73
N GLN B 89 -14.94 7.07 27.57
CA GLN B 89 -15.20 6.28 28.76
C GLN B 89 -15.19 4.78 28.49
N ASP B 90 -15.07 4.00 29.58
CA ASP B 90 -15.19 2.54 29.53
C ASP B 90 -16.51 2.12 30.21
N LEU B 91 -16.94 0.89 29.95
CA LEU B 91 -18.24 0.46 30.45
C LEU B 91 -18.24 0.38 31.98
N LYS B 92 -17.10 0.00 32.58
CA LYS B 92 -16.99 -0.14 34.02
C LYS B 92 -17.28 1.21 34.69
N LYS B 93 -16.56 2.26 34.25
CA LYS B 93 -16.70 3.59 34.83
C LYS B 93 -18.13 4.11 34.66
N PHE B 94 -18.77 3.79 33.53
CA PHE B 94 -20.15 4.27 33.29
C PHE B 94 -21.08 3.61 34.28
N MET B 95 -20.98 2.29 34.41
CA MET B 95 -21.87 1.54 35.32
C MET B 95 -21.61 1.95 36.77
N ASP B 96 -20.39 2.36 37.08
CA ASP B 96 -20.04 2.66 38.49
C ASP B 96 -20.36 4.11 38.84
N ALA B 97 -20.77 4.92 37.88
CA ALA B 97 -20.95 6.36 38.17
C ALA B 97 -22.28 6.88 37.67
N SER B 98 -22.77 6.38 36.55
CA SER B 98 -24.01 6.98 36.01
C SER B 98 -25.14 5.95 36.08
N ALA B 99 -24.80 4.67 35.88
CA ALA B 99 -25.83 3.62 36.01
C ALA B 99 -25.96 3.27 37.50
N LEU B 100 -26.41 4.23 38.30
CA LEU B 100 -26.52 4.02 39.77
C LEU B 100 -27.89 3.42 40.08
N THR B 101 -28.89 3.66 39.24
CA THR B 101 -30.21 3.02 39.42
C THR B 101 -30.50 2.17 38.21
N GLY B 102 -29.46 1.70 37.51
CA GLY B 102 -29.68 0.80 36.39
C GLY B 102 -29.17 1.42 35.08
N ILE B 103 -28.75 0.53 34.15
CA ILE B 103 -28.68 0.87 32.73
C ILE B 103 -30.03 0.50 32.13
N PRO B 104 -30.73 1.42 31.43
CA PRO B 104 -32.04 1.08 30.85
C PRO B 104 -31.94 0.02 29.76
N LEU B 105 -32.97 -0.81 29.67
CA LEU B 105 -33.00 -1.95 28.76
C LEU B 105 -32.62 -1.52 27.34
N PRO B 106 -33.26 -0.46 26.75
CA PRO B 106 -32.88 0.00 25.42
C PRO B 106 -31.38 0.04 25.18
N LEU B 107 -30.64 0.56 26.17
CA LEU B 107 -29.23 0.87 26.01
C LEU B 107 -28.39 -0.38 26.29
N ILE B 108 -28.88 -1.23 27.20
CA ILE B 108 -28.25 -2.52 27.41
C ILE B 108 -28.24 -3.29 26.09
N LYS B 109 -29.40 -3.24 25.43
CA LYS B 109 -29.70 -4.01 24.22
C LYS B 109 -28.81 -3.53 23.08
N SER B 110 -28.79 -2.20 22.86
CA SER B 110 -27.86 -1.53 21.97
C SER B 110 -26.42 -1.96 22.20
N TYR B 111 -25.96 -1.87 23.45
CA TYR B 111 -24.56 -2.13 23.76
C TYR B 111 -24.23 -3.58 23.41
N LEU B 112 -25.05 -4.52 23.92
CA LEU B 112 -24.76 -5.93 23.74
C LEU B 112 -24.75 -6.27 22.23
N PHE B 113 -25.69 -5.66 21.50
CA PHE B 113 -25.80 -5.86 20.05
C PHE B 113 -24.54 -5.37 19.34
N GLN B 114 -24.04 -4.19 19.72
CA GLN B 114 -22.81 -3.70 19.12
C GLN B 114 -21.63 -4.60 19.47
N LEU B 115 -21.57 -5.07 20.71
CA LEU B 115 -20.43 -5.86 21.15
C LEU B 115 -20.38 -7.16 20.36
N LEU B 116 -21.57 -7.73 20.10
CA LEU B 116 -21.73 -8.94 19.31
C LEU B 116 -21.27 -8.71 17.87
N GLN B 117 -21.65 -7.56 17.28
CA GLN B 117 -21.10 -7.18 15.98
C GLN B 117 -19.58 -7.15 16.01
N GLY B 118 -19.00 -6.58 17.07
CA GLY B 118 -17.56 -6.38 17.09
C GLY B 118 -16.86 -7.72 17.20
N LEU B 119 -17.45 -8.57 18.01
CA LEU B 119 -16.84 -9.84 18.36
C LEU B 119 -16.95 -10.79 17.17
N ALA B 120 -18.14 -10.82 16.54
CA ALA B 120 -18.33 -11.57 15.30
C ALA B 120 -17.28 -11.18 14.27
N PHE B 121 -16.98 -9.89 14.14
CA PHE B 121 -15.98 -9.44 13.20
C PHE B 121 -14.62 -10.07 13.54
N CYS B 122 -14.25 -10.01 14.82
CA CYS B 122 -12.99 -10.60 15.28
C CYS B 122 -12.92 -12.07 14.91
N HIS B 123 -14.00 -12.81 15.22
CA HIS B 123 -14.02 -14.25 15.01
C HIS B 123 -13.92 -14.55 13.51
N SER B 124 -14.66 -13.78 12.69
CA SER B 124 -14.62 -13.89 11.24
C SER B 124 -13.23 -13.62 10.67
N HIS B 125 -12.34 -12.99 11.47
CA HIS B 125 -11.02 -12.62 11.00
C HIS B 125 -9.94 -13.36 11.78
N ARG B 126 -10.30 -14.57 12.23
CA ARG B 126 -9.48 -15.47 13.02
C ARG B 126 -8.79 -14.76 14.19
N VAL B 127 -9.51 -13.91 14.95
CA VAL B 127 -8.95 -13.30 16.15
C VAL B 127 -9.78 -13.58 17.43
N LEU B 128 -9.14 -14.11 18.48
CA LEU B 128 -9.76 -14.19 19.80
C LEU B 128 -9.34 -12.96 20.64
N HIS B 129 -10.28 -12.43 21.42
CA HIS B 129 -9.97 -11.25 22.19
C HIS B 129 -9.24 -11.62 23.48
N ARG B 130 -9.89 -12.47 24.29
CA ARG B 130 -9.25 -13.15 25.40
C ARG B 130 -9.13 -12.20 26.59
N ASP B 131 -9.88 -11.10 26.60
CA ASP B 131 -9.92 -10.27 27.79
C ASP B 131 -11.14 -9.35 27.72
N LEU B 132 -12.29 -9.90 27.34
CA LEU B 132 -13.49 -9.09 27.34
C LEU B 132 -13.97 -8.86 28.77
N LYS B 133 -13.95 -7.61 29.18
CA LYS B 133 -14.43 -7.19 30.49
C LYS B 133 -14.80 -5.73 30.36
N PRO B 134 -15.64 -5.17 31.24
CA PRO B 134 -16.12 -3.79 31.06
C PRO B 134 -15.07 -2.69 30.96
N GLN B 135 -13.96 -2.83 31.69
CA GLN B 135 -12.78 -1.99 31.62
C GLN B 135 -12.25 -1.86 30.19
N ASN B 136 -12.49 -2.87 29.34
CA ASN B 136 -11.91 -2.98 28.01
C ASN B 136 -12.97 -2.73 26.92
N LEU B 137 -14.12 -2.17 27.31
CA LEU B 137 -15.16 -1.79 26.37
C LEU B 137 -15.39 -0.27 26.49
N LEU B 138 -15.04 0.46 25.43
CA LEU B 138 -15.10 1.90 25.44
C LEU B 138 -16.42 2.38 24.83
N ILE B 139 -17.05 3.35 25.48
CA ILE B 139 -18.24 4.02 24.96
C ILE B 139 -17.88 5.47 24.59
N ASN B 140 -18.69 6.09 23.74
CA ASN B 140 -18.46 7.46 23.31
C ASN B 140 -19.72 8.29 23.53
N THR B 141 -19.66 9.56 23.11
CA THR B 141 -20.75 10.47 23.45
C THR B 141 -22.00 10.12 22.64
N GLU B 142 -21.81 9.45 21.49
CA GLU B 142 -22.89 9.18 20.56
C GLU B 142 -23.69 7.93 20.94
N GLY B 143 -23.06 6.95 21.60
CA GLY B 143 -23.79 5.78 22.02
C GLY B 143 -23.16 4.51 21.45
N ALA B 144 -21.96 4.66 20.90
CA ALA B 144 -21.23 3.51 20.36
C ALA B 144 -20.46 2.84 21.49
N ILE B 145 -20.33 1.52 21.42
CA ILE B 145 -19.47 0.81 22.35
C ILE B 145 -18.52 -0.08 21.54
N LYS B 146 -17.24 -0.12 21.91
CA LYS B 146 -16.25 -0.72 21.05
C LYS B 146 -15.28 -1.56 21.87
N LEU B 147 -14.94 -2.73 21.32
CA LEU B 147 -13.97 -3.61 21.94
C LEU B 147 -12.64 -2.90 21.91
N ALA B 148 -11.91 -2.97 23.03
CA ALA B 148 -10.57 -2.39 23.14
C ALA B 148 -9.59 -3.35 23.81
N ASP B 149 -8.33 -2.94 23.81
CA ASP B 149 -7.23 -3.62 24.45
C ASP B 149 -7.05 -5.02 23.87
N PHE B 150 -6.33 -5.09 22.74
CA PHE B 150 -6.06 -6.36 22.07
C PHE B 150 -4.66 -6.88 22.40
N GLY B 151 -4.12 -6.43 23.54
CA GLY B 151 -2.81 -6.93 23.99
C GLY B 151 -2.87 -8.41 24.27
N LEU B 152 -4.03 -8.90 24.72
CA LEU B 152 -4.21 -10.35 25.02
C LEU B 152 -4.76 -11.05 23.79
N ALA B 153 -4.96 -10.33 22.69
CA ALA B 153 -5.57 -10.93 21.48
C ALA B 153 -4.61 -11.95 20.85
N ARG B 154 -5.17 -12.91 20.11
CA ARG B 154 -4.38 -13.94 19.47
C ARG B 154 -5.02 -14.31 18.14
N ALA B 155 -4.16 -14.51 17.14
CA ALA B 155 -4.62 -14.97 15.84
C ALA B 155 -4.68 -16.47 15.82
N PHE B 156 -5.89 -17.02 15.65
CA PHE B 156 -6.01 -18.47 15.72
C PHE B 156 -6.05 -19.12 14.34
N GLY B 157 -5.85 -20.44 14.36
CA GLY B 157 -5.90 -21.34 13.21
C GLY B 157 -7.12 -22.26 13.33
N VAL B 158 -7.45 -22.95 12.23
CA VAL B 158 -8.66 -23.74 12.17
C VAL B 158 -8.28 -25.14 11.73
N PRO B 159 -8.44 -26.19 12.59
CA PRO B 159 -8.86 -26.03 13.99
C PRO B 159 -7.79 -25.38 14.87
N VAL B 160 -8.20 -24.87 16.05
CA VAL B 160 -7.30 -24.22 17.00
C VAL B 160 -6.30 -25.25 17.53
N ARG B 161 -5.10 -24.77 17.86
CA ARG B 161 -4.17 -25.58 18.63
C ARG B 161 -4.13 -25.08 20.10
N THR B 162 -3.21 -25.65 20.90
CA THR B 162 -3.13 -25.30 22.30
C THR B 162 -2.50 -23.91 22.38
N TYR B 163 -3.20 -23.02 23.08
CA TYR B 163 -2.73 -21.62 23.27
C TYR B 163 -2.49 -21.39 24.77
N TPO B 164 -2.11 -20.16 25.14
CA TPO B 164 -1.77 -19.82 26.54
CB TPO B 164 -1.31 -18.36 26.61
CG2 TPO B 164 -0.68 -18.01 27.94
OG1 TPO B 164 -0.30 -18.16 25.58
P TPO B 164 -0.55 -17.20 24.31
O1P TPO B 164 -1.66 -17.86 23.53
O2P TPO B 164 0.74 -17.17 23.57
O3P TPO B 164 -0.95 -15.86 24.86
C TPO B 164 -2.94 -20.12 27.47
O TPO B 164 -4.08 -19.93 27.03
N HIS B 165 -2.65 -20.53 28.70
CA HIS B 165 -3.72 -20.90 29.65
C HIS B 165 -3.96 -19.81 30.68
N GLU B 166 -4.97 -20.01 31.53
CA GLU B 166 -5.36 -18.98 32.54
C GLU B 166 -5.50 -17.63 31.84
N VAL B 167 -5.89 -17.63 30.57
CA VAL B 167 -6.14 -16.37 29.83
C VAL B 167 -7.50 -15.86 30.29
N VAL B 168 -7.78 -14.59 30.07
CA VAL B 168 -9.09 -13.97 30.45
C VAL B 168 -9.09 -13.68 31.96
N THR B 169 -9.45 -12.46 32.32
CA THR B 169 -9.58 -12.03 33.71
C THR B 169 -10.52 -13.03 34.35
N LEU B 170 -10.12 -13.63 35.47
CA LEU B 170 -10.90 -14.71 36.12
C LEU B 170 -12.40 -14.51 36.08
N TRP B 171 -12.89 -13.38 36.55
CA TRP B 171 -14.36 -13.20 36.65
C TRP B 171 -15.01 -13.42 35.29
N TYR B 172 -14.26 -13.28 34.20
CA TYR B 172 -14.87 -13.36 32.88
C TYR B 172 -14.42 -14.64 32.18
N ARG B 173 -13.74 -15.51 32.95
CA ARG B 173 -13.05 -16.65 32.37
C ARG B 173 -13.99 -17.84 32.29
N ALA B 174 -13.97 -18.49 31.11
CA ALA B 174 -14.88 -19.57 30.78
C ALA B 174 -14.52 -20.85 31.52
N PRO B 175 -15.54 -21.70 31.81
CA PRO B 175 -15.31 -22.94 32.53
C PRO B 175 -14.21 -23.81 31.90
N GLU B 176 -14.22 -23.93 30.56
CA GLU B 176 -13.27 -24.81 29.90
C GLU B 176 -11.83 -24.37 30.21
N ILE B 177 -11.61 -23.08 30.47
CA ILE B 177 -10.21 -22.61 30.70
C ILE B 177 -9.82 -22.95 32.14
N LEU B 178 -10.80 -22.87 33.04
CA LEU B 178 -10.54 -23.18 34.46
C LEU B 178 -10.34 -24.68 34.63
N LEU B 179 -10.87 -25.48 33.71
CA LEU B 179 -10.80 -26.96 33.82
C LEU B 179 -9.56 -27.50 33.08
N GLY B 180 -8.66 -26.64 32.64
CA GLY B 180 -7.40 -27.09 32.04
C GLY B 180 -7.54 -27.56 30.61
N CYS B 181 -8.59 -27.10 29.91
CA CYS B 181 -8.80 -27.47 28.50
C CYS B 181 -7.50 -27.42 27.71
N LYS B 182 -7.30 -28.40 26.82
CA LYS B 182 -6.11 -28.35 25.93
C LYS B 182 -6.42 -27.37 24.81
N TYR B 183 -7.69 -27.24 24.47
CA TYR B 183 -8.09 -26.39 23.33
C TYR B 183 -9.23 -25.51 23.71
N TYR B 184 -9.15 -24.23 23.34
CA TYR B 184 -10.28 -23.35 23.55
C TYR B 184 -10.43 -22.52 22.28
N SER B 185 -11.63 -21.91 22.15
CA SER B 185 -12.03 -21.35 20.89
C SER B 185 -12.83 -20.07 21.09
N THR B 186 -13.54 -19.65 20.04
CA THR B 186 -14.31 -18.43 20.00
C THR B 186 -15.27 -18.37 21.19
N ALA B 187 -15.65 -19.54 21.71
CA ALA B 187 -16.64 -19.66 22.76
C ALA B 187 -16.18 -18.95 24.03
N VAL B 188 -14.86 -18.87 24.28
CA VAL B 188 -14.40 -18.22 25.49
C VAL B 188 -14.76 -16.72 25.47
N ASP B 189 -14.89 -16.12 24.26
CA ASP B 189 -15.19 -14.70 24.20
C ASP B 189 -16.68 -14.50 24.45
N ILE B 190 -17.49 -15.48 24.07
CA ILE B 190 -18.92 -15.36 24.28
C ILE B 190 -19.21 -15.43 25.78
N TRP B 191 -18.51 -16.35 26.46
CA TRP B 191 -18.65 -16.52 27.89
C TRP B 191 -18.46 -15.16 28.59
N SER B 192 -17.36 -14.51 28.25
CA SER B 192 -17.06 -13.20 28.78
C SER B 192 -18.25 -12.25 28.57
N LEU B 193 -18.82 -12.24 27.36
CA LEU B 193 -19.90 -11.33 27.02
C LEU B 193 -21.18 -11.66 27.78
N GLY B 194 -21.46 -12.96 27.91
CA GLY B 194 -22.55 -13.37 28.79
C GLY B 194 -22.36 -12.79 30.20
N CYS B 195 -21.14 -12.84 30.72
CA CYS B 195 -20.91 -12.31 32.07
C CYS B 195 -21.20 -10.82 32.06
N ILE B 196 -20.79 -10.15 30.96
CA ILE B 196 -20.91 -8.72 30.84
C ILE B 196 -22.39 -8.34 30.71
N PHE B 197 -23.13 -9.13 29.92
CA PHE B 197 -24.57 -8.96 29.75
C PHE B 197 -25.26 -8.96 31.13
N ALA B 198 -24.99 -10.02 31.92
CA ALA B 198 -25.50 -10.09 33.28
C ALA B 198 -25.10 -8.81 34.02
N GLU B 199 -23.84 -8.41 33.83
CA GLU B 199 -23.26 -7.36 34.66
C GLU B 199 -23.88 -5.99 34.32
N MET B 200 -24.26 -5.77 33.06
CA MET B 200 -24.93 -4.53 32.69
C MET B 200 -26.33 -4.43 33.30
N VAL B 201 -26.96 -5.57 33.60
CA VAL B 201 -28.32 -5.62 34.10
C VAL B 201 -28.30 -5.32 35.60
N THR B 202 -27.36 -5.96 36.30
CA THR B 202 -27.29 -5.86 37.77
C THR B 202 -26.26 -4.86 38.21
N ARG B 203 -25.31 -4.51 37.35
CA ARG B 203 -24.20 -3.59 37.72
C ARG B 203 -23.34 -4.33 38.76
N ARG B 204 -23.42 -5.65 38.76
CA ARG B 204 -22.58 -6.47 39.68
C ARG B 204 -22.00 -7.64 38.87
N ALA B 205 -20.77 -8.04 39.17
CA ALA B 205 -20.14 -9.18 38.48
C ALA B 205 -20.94 -10.45 38.75
N LEU B 206 -21.10 -11.27 37.72
CA LEU B 206 -21.91 -12.46 37.91
C LEU B 206 -21.12 -13.50 38.69
N PHE B 207 -19.84 -13.67 38.38
CA PHE B 207 -19.06 -14.67 39.09
C PHE B 207 -17.78 -14.04 39.64
N PRO B 208 -17.81 -13.32 40.78
CA PRO B 208 -16.61 -12.61 41.22
C PRO B 208 -15.77 -13.51 42.10
N GLY B 209 -15.08 -14.48 41.50
CA GLY B 209 -14.27 -15.43 42.26
C GLY B 209 -12.95 -14.84 42.72
N ASP B 210 -12.33 -15.41 43.76
CA ASP B 210 -11.03 -14.91 44.24
C ASP B 210 -9.92 -15.94 44.03
N SER B 211 -10.24 -17.05 43.35
CA SER B 211 -9.23 -17.98 42.86
C SER B 211 -9.83 -18.81 41.74
N GLU B 212 -9.02 -19.61 41.05
CA GLU B 212 -9.57 -20.48 40.03
C GLU B 212 -10.65 -21.41 40.57
N ILE B 213 -10.40 -22.06 41.71
CA ILE B 213 -11.34 -23.05 42.17
C ILE B 213 -12.61 -22.40 42.75
N ASP B 214 -12.43 -21.23 43.38
CA ASP B 214 -13.54 -20.41 43.84
C ASP B 214 -14.43 -19.95 42.69
N GLN B 215 -13.80 -19.53 41.59
CA GLN B 215 -14.52 -19.18 40.35
C GLN B 215 -15.36 -20.37 39.86
N LEU B 216 -14.78 -21.57 39.73
CA LEU B 216 -15.55 -22.69 39.22
C LEU B 216 -16.81 -22.88 40.04
N PHE B 217 -16.60 -22.87 41.38
CA PHE B 217 -17.65 -23.18 42.34
C PHE B 217 -18.73 -22.11 42.28
N ARG B 218 -18.35 -20.84 42.08
CA ARG B 218 -19.36 -19.79 41.92
C ARG B 218 -20.24 -20.10 40.71
N ILE B 219 -19.57 -20.50 39.64
CA ILE B 219 -20.26 -20.84 38.41
C ILE B 219 -21.19 -22.03 38.65
N PHE B 220 -20.63 -23.12 39.22
CA PHE B 220 -21.37 -24.36 39.46
C PHE B 220 -22.60 -24.08 40.32
N ARG B 221 -22.43 -23.24 41.34
CA ARG B 221 -23.57 -22.95 42.27
C ARG B 221 -24.69 -22.24 41.52
N THR B 222 -24.35 -21.55 40.43
CA THR B 222 -25.37 -20.74 39.71
C THR B 222 -25.95 -21.53 38.56
N LEU B 223 -25.10 -22.22 37.79
CA LEU B 223 -25.58 -22.89 36.61
C LEU B 223 -25.67 -24.39 36.83
N GLY B 224 -25.46 -24.85 38.06
CA GLY B 224 -25.35 -26.28 38.36
C GLY B 224 -23.97 -26.80 38.03
N THR B 225 -23.52 -27.81 38.79
CA THR B 225 -22.27 -28.49 38.54
C THR B 225 -22.45 -29.30 37.28
N PRO B 226 -21.60 -29.15 36.25
CA PRO B 226 -21.76 -29.91 35.00
C PRO B 226 -21.43 -31.40 35.07
N ASP B 227 -22.19 -32.21 34.31
CA ASP B 227 -22.00 -33.66 34.21
C ASP B 227 -21.85 -34.02 32.72
N GLU B 228 -21.81 -35.33 32.43
CA GLU B 228 -21.56 -35.83 31.09
C GLU B 228 -22.74 -35.54 30.17
N VAL B 229 -23.94 -35.38 30.74
CA VAL B 229 -25.18 -35.11 30.02
C VAL B 229 -25.26 -33.67 29.50
N VAL B 230 -24.98 -32.70 30.36
CA VAL B 230 -25.04 -31.29 29.98
C VAL B 230 -23.77 -30.95 29.20
N TRP B 231 -22.69 -31.65 29.46
CA TRP B 231 -21.45 -31.25 28.83
C TRP B 231 -20.55 -32.48 28.63
N PRO B 232 -20.69 -33.20 27.50
CA PRO B 232 -19.83 -34.37 27.22
C PRO B 232 -18.34 -34.04 27.15
N GLY B 233 -17.52 -34.82 27.89
CA GLY B 233 -16.09 -34.54 28.01
C GLY B 233 -15.68 -33.95 29.36
N VAL B 234 -16.60 -33.26 30.04
CA VAL B 234 -16.31 -32.45 31.21
C VAL B 234 -15.53 -33.30 32.22
N THR B 235 -16.05 -34.49 32.54
CA THR B 235 -15.49 -35.34 33.58
C THR B 235 -14.17 -35.94 33.10
N SER B 236 -13.80 -35.66 31.85
CA SER B 236 -12.57 -36.20 31.29
C SER B 236 -11.57 -35.07 31.13
N MET B 237 -11.87 -33.89 31.69
CA MET B 237 -11.01 -32.72 31.51
C MET B 237 -9.90 -32.71 32.55
N PRO B 238 -8.69 -32.19 32.23
CA PRO B 238 -7.52 -32.33 33.11
C PRO B 238 -7.67 -31.92 34.59
N ASP B 239 -8.40 -30.83 34.83
CA ASP B 239 -8.55 -30.27 36.16
C ASP B 239 -9.96 -30.52 36.70
N TYR B 240 -10.72 -31.37 36.00
CA TYR B 240 -11.96 -31.84 36.55
C TYR B 240 -11.65 -32.84 37.65
N LYS B 241 -12.52 -32.89 38.64
CA LYS B 241 -12.33 -33.76 39.77
C LYS B 241 -13.68 -34.32 40.19
N PRO B 242 -13.77 -35.66 40.42
CA PRO B 242 -15.00 -36.31 40.89
C PRO B 242 -15.53 -35.75 42.21
N SER B 243 -14.60 -35.31 43.06
CA SER B 243 -14.86 -34.72 44.36
C SER B 243 -15.63 -33.40 44.26
N PHE B 244 -15.58 -32.71 43.10
CA PHE B 244 -16.32 -31.47 42.93
C PHE B 244 -17.75 -31.57 43.45
N PRO B 245 -18.22 -30.61 44.27
CA PRO B 245 -19.58 -30.70 44.79
C PRO B 245 -20.58 -30.66 43.65
N LYS B 246 -21.68 -31.41 43.83
CA LYS B 246 -22.75 -31.46 42.84
C LYS B 246 -23.80 -30.43 43.23
N TRP B 247 -23.84 -29.28 42.56
CA TRP B 247 -24.82 -28.27 42.92
C TRP B 247 -25.93 -28.35 41.90
N ALA B 248 -27.17 -28.18 42.36
CA ALA B 248 -28.29 -28.18 41.41
C ALA B 248 -28.26 -26.92 40.57
N ARG B 249 -28.54 -27.03 39.26
CA ARG B 249 -28.72 -25.84 38.44
C ARG B 249 -29.94 -25.07 38.94
N GLN B 250 -29.83 -23.76 39.05
CA GLN B 250 -30.96 -22.99 39.56
C GLN B 250 -31.65 -22.32 38.36
N ASP B 251 -33.00 -22.25 38.42
CA ASP B 251 -33.83 -21.60 37.43
C ASP B 251 -33.24 -20.22 37.10
N PHE B 252 -33.10 -19.94 35.80
CA PHE B 252 -32.28 -18.86 35.31
C PHE B 252 -32.89 -17.48 35.60
N SER B 253 -34.14 -17.49 36.02
CA SER B 253 -34.87 -16.27 36.34
C SER B 253 -34.55 -15.81 37.76
N LYS B 254 -33.81 -16.62 38.50
CA LYS B 254 -33.38 -16.19 39.85
C LYS B 254 -31.94 -15.71 39.71
N VAL B 255 -31.27 -16.12 38.64
CA VAL B 255 -29.92 -15.66 38.36
C VAL B 255 -29.91 -14.17 38.02
N VAL B 256 -30.81 -13.71 37.14
CA VAL B 256 -30.86 -12.30 36.78
C VAL B 256 -32.32 -11.84 36.81
N PRO B 257 -32.91 -11.73 38.02
CA PRO B 257 -34.35 -11.50 38.18
C PRO B 257 -34.98 -10.45 37.29
N PRO B 258 -34.39 -9.26 37.05
CA PRO B 258 -35.09 -8.22 36.30
C PRO B 258 -35.17 -8.51 34.81
N LEU B 259 -34.39 -9.51 34.35
CA LEU B 259 -34.34 -9.91 32.95
C LEU B 259 -35.62 -10.65 32.53
N ASP B 260 -35.97 -10.44 31.26
N ASP B 260 -36.11 -10.38 31.31
CA ASP B 260 -37.20 -10.90 30.62
CA ASP B 260 -37.34 -11.01 30.84
C ASP B 260 -36.97 -12.26 30.00
C ASP B 260 -36.99 -12.18 29.94
N GLU B 261 -38.02 -12.87 29.45
CA GLU B 261 -37.92 -14.18 28.79
C GLU B 261 -36.90 -14.19 27.64
N ASP B 262 -36.91 -13.13 26.82
CA ASP B 262 -36.06 -13.05 25.65
C ASP B 262 -34.62 -12.95 26.11
N GLY B 263 -34.38 -12.07 27.09
CA GLY B 263 -33.04 -11.84 27.61
C GLY B 263 -32.44 -13.07 28.27
N ARG B 264 -33.28 -13.78 29.04
CA ARG B 264 -32.83 -14.95 29.76
C ARG B 264 -32.40 -16.02 28.77
N SER B 265 -33.21 -16.17 27.72
CA SER B 265 -32.95 -17.13 26.67
C SER B 265 -31.55 -16.88 26.11
N LEU B 266 -31.26 -15.62 25.81
CA LEU B 266 -30.02 -15.33 25.13
C LEU B 266 -28.87 -15.57 26.12
N LEU B 267 -29.06 -15.11 27.37
CA LEU B 267 -28.02 -15.22 28.39
C LEU B 267 -27.67 -16.69 28.65
N SER B 268 -28.70 -17.55 28.71
CA SER B 268 -28.45 -18.95 29.00
C SER B 268 -27.67 -19.60 27.87
N GLN B 269 -27.85 -19.09 26.66
CA GLN B 269 -27.17 -19.66 25.50
C GLN B 269 -25.73 -19.16 25.47
N MET B 270 -25.47 -18.01 26.10
CA MET B 270 -24.12 -17.49 26.09
C MET B 270 -23.30 -18.19 27.18
N LEU B 271 -23.99 -18.74 28.19
CA LEU B 271 -23.39 -19.28 29.40
C LEU B 271 -23.51 -20.80 29.42
N HIS B 272 -23.70 -21.40 28.25
CA HIS B 272 -23.83 -22.85 28.15
C HIS B 272 -22.46 -23.46 28.45
N TYR B 273 -22.48 -24.58 29.19
CA TYR B 273 -21.24 -25.20 29.63
C TYR B 273 -20.45 -25.66 28.41
N ASP B 274 -21.11 -26.45 27.56
CA ASP B 274 -20.43 -27.09 26.46
C ASP B 274 -20.01 -25.98 25.47
N PRO B 275 -18.71 -25.72 25.28
CA PRO B 275 -18.29 -24.70 24.32
C PRO B 275 -18.97 -24.89 22.96
N ASN B 276 -19.27 -26.15 22.57
CA ASN B 276 -19.87 -26.43 21.27
C ASN B 276 -21.36 -26.03 21.15
N LYS B 277 -22.14 -25.97 22.24
CA LYS B 277 -23.54 -25.56 22.19
C LYS B 277 -23.64 -24.06 22.48
N ARG B 278 -22.55 -23.49 23.00
CA ARG B 278 -22.61 -22.08 23.36
C ARG B 278 -22.82 -21.30 22.07
N ILE B 279 -23.72 -20.32 22.11
CA ILE B 279 -24.10 -19.60 20.91
C ILE B 279 -22.89 -18.81 20.40
N SER B 280 -22.81 -18.61 19.08
CA SER B 280 -21.79 -17.78 18.46
C SER B 280 -22.29 -16.34 18.39
N ALA B 281 -21.34 -15.41 18.28
CA ALA B 281 -21.68 -13.99 18.12
C ALA B 281 -22.56 -13.77 16.88
N LYS B 282 -22.26 -14.54 15.84
CA LYS B 282 -22.90 -14.44 14.55
C LYS B 282 -24.39 -14.78 14.70
N ALA B 283 -24.69 -15.84 15.45
CA ALA B 283 -26.07 -16.30 15.63
C ALA B 283 -26.82 -15.36 16.58
N ALA B 284 -26.14 -14.96 17.66
CA ALA B 284 -26.78 -14.19 18.70
C ALA B 284 -27.35 -12.89 18.13
N LEU B 285 -26.74 -12.36 17.08
CA LEU B 285 -27.28 -11.16 16.44
C LEU B 285 -28.72 -11.34 15.96
N ALA B 286 -29.13 -12.58 15.70
CA ALA B 286 -30.46 -12.78 15.15
C ALA B 286 -31.46 -13.08 16.27
N HIS B 287 -30.98 -13.13 17.53
CA HIS B 287 -31.78 -13.52 18.67
C HIS B 287 -32.94 -12.54 18.88
N PRO B 288 -34.17 -13.04 19.17
CA PRO B 288 -35.31 -12.17 19.37
C PRO B 288 -35.12 -11.07 20.41
N PHE B 289 -34.19 -11.24 21.39
CA PHE B 289 -33.92 -10.18 22.35
C PHE B 289 -33.74 -8.82 21.65
N PHE B 290 -33.19 -8.86 20.43
CA PHE B 290 -32.77 -7.66 19.74
C PHE B 290 -33.85 -7.09 18.79
N GLN B 291 -35.01 -7.75 18.68
CA GLN B 291 -36.01 -7.43 17.67
C GLN B 291 -36.27 -5.92 17.59
N ASP B 292 -36.16 -5.20 18.71
CA ASP B 292 -36.60 -3.81 18.73
C ASP B 292 -35.44 -2.86 19.06
N VAL B 293 -34.22 -3.21 18.64
CA VAL B 293 -32.96 -2.56 19.04
C VAL B 293 -32.72 -1.27 18.24
N THR B 294 -31.94 -0.36 18.86
CA THR B 294 -31.56 0.95 18.34
C THR B 294 -30.14 1.26 18.84
N LYS B 295 -29.65 2.50 18.61
CA LYS B 295 -28.43 2.99 19.23
C LYS B 295 -28.78 4.20 20.09
N PRO B 296 -29.44 3.99 21.25
CA PRO B 296 -29.63 5.07 22.23
C PRO B 296 -28.34 5.81 22.60
N GLY C 1 -16.72 -29.85 17.15
CA GLY C 1 -17.33 -28.67 16.52
C GLY C 1 -16.44 -27.45 16.76
N VAL C 2 -16.62 -26.79 17.93
CA VAL C 2 -16.18 -25.42 18.13
C VAL C 2 -14.66 -25.22 17.97
N ASN C 3 -13.85 -26.26 18.18
CA ASN C 3 -12.41 -26.15 17.94
C ASN C 3 -12.15 -25.90 16.46
N GLU C 4 -13.19 -26.19 15.65
CA GLU C 4 -13.20 -26.07 14.19
C GLU C 4 -14.10 -24.91 13.74
N VAL C 5 -14.50 -24.04 14.69
CA VAL C 5 -15.25 -22.81 14.45
C VAL C 5 -16.22 -22.98 13.29
N PRO C 6 -17.18 -23.93 13.34
CA PRO C 6 -18.14 -24.11 12.25
C PRO C 6 -18.79 -22.84 11.71
N ASP C 7 -19.03 -21.85 12.59
CA ASP C 7 -19.77 -20.64 12.23
C ASP C 7 -18.90 -19.61 11.49
N TYR C 8 -17.56 -19.81 11.49
CA TYR C 8 -16.62 -18.80 11.02
C TYR C 8 -15.58 -19.37 10.06
N HIS C 9 -15.56 -20.70 9.81
CA HIS C 9 -14.42 -21.29 9.10
C HIS C 9 -14.36 -20.80 7.64
N GLU C 10 -15.53 -20.51 7.05
CA GLU C 10 -15.59 -20.09 5.66
C GLU C 10 -15.24 -18.61 5.59
N ASP C 11 -15.84 -17.82 6.48
CA ASP C 11 -15.44 -16.42 6.63
C ASP C 11 -13.92 -16.39 6.73
N ILE C 12 -13.34 -17.28 7.55
CA ILE C 12 -11.92 -17.27 7.82
C ILE C 12 -11.17 -17.66 6.56
N HIS C 13 -11.59 -18.76 5.91
CA HIS C 13 -10.93 -19.21 4.68
C HIS C 13 -10.91 -18.10 3.61
N THR C 14 -12.09 -17.53 3.35
CA THR C 14 -12.18 -16.44 2.35
C THR C 14 -11.21 -15.35 2.74
N TYR C 15 -11.18 -14.99 4.02
CA TYR C 15 -10.25 -13.93 4.50
C TYR C 15 -8.82 -14.36 4.20
N LEU C 16 -8.45 -15.56 4.66
CA LEU C 16 -7.09 -16.09 4.39
C LEU C 16 -6.77 -15.92 2.90
N ARG C 17 -7.72 -16.25 2.03
CA ARG C 17 -7.47 -16.20 0.58
C ARG C 17 -7.16 -14.76 0.15
N GLU C 18 -7.91 -13.78 0.67
CA GLU C 18 -7.63 -12.40 0.35
C GLU C 18 -6.24 -11.99 0.86
N MET C 19 -5.88 -12.42 2.07
CA MET C 19 -4.69 -11.90 2.69
C MET C 19 -3.45 -12.56 2.10
N GLU C 20 -3.56 -13.82 1.66
CA GLU C 20 -2.35 -14.49 1.20
C GLU C 20 -1.81 -13.76 -0.01
N VAL C 21 -2.71 -13.06 -0.72
CA VAL C 21 -2.37 -12.23 -1.86
C VAL C 21 -1.75 -10.91 -1.40
N LYS C 22 -2.27 -10.27 -0.36
CA LYS C 22 -1.57 -9.11 0.15
C LYS C 22 -0.15 -9.48 0.59
N CYS C 23 0.01 -10.64 1.20
CA CYS C 23 1.22 -10.98 1.91
C CYS C 23 2.26 -11.66 1.03
N LYS C 24 2.02 -11.75 -0.27
CA LYS C 24 2.83 -12.60 -1.15
C LYS C 24 4.12 -11.86 -1.46
N PRO C 25 5.29 -12.54 -1.53
CA PRO C 25 6.52 -11.82 -1.85
C PRO C 25 6.50 -11.59 -3.34
N LYS C 26 7.50 -10.84 -3.82
CA LYS C 26 7.67 -10.67 -5.27
C LYS C 26 8.40 -11.91 -5.79
N VAL C 27 7.80 -12.59 -6.77
CA VAL C 27 8.47 -13.77 -7.38
C VAL C 27 9.72 -13.27 -8.10
N GLY C 28 10.86 -13.93 -7.88
CA GLY C 28 12.09 -13.54 -8.57
C GLY C 28 12.66 -12.26 -7.99
N TYR C 29 12.91 -12.25 -6.69
CA TYR C 29 13.54 -11.07 -6.06
C TYR C 29 15.02 -11.37 -5.99
N MET C 30 15.37 -12.65 -6.03
CA MET C 30 16.78 -13.04 -5.85
C MET C 30 17.60 -12.61 -7.07
N LYS C 31 16.92 -12.29 -8.17
CA LYS C 31 17.63 -11.82 -9.38
C LYS C 31 18.01 -10.35 -9.15
N LYS C 32 17.16 -9.63 -8.42
CA LYS C 32 17.44 -8.20 -8.13
C LYS C 32 18.21 -8.11 -6.81
N GLN C 33 18.61 -9.25 -6.26
CA GLN C 33 19.44 -9.25 -5.04
C GLN C 33 20.88 -9.44 -5.50
N PRO C 34 21.75 -8.43 -5.41
CA PRO C 34 23.09 -8.54 -5.99
C PRO C 34 24.00 -9.59 -5.39
N ASP C 35 23.82 -9.85 -4.09
CA ASP C 35 24.83 -10.59 -3.35
C ASP C 35 24.32 -11.93 -2.85
N ILE C 36 23.02 -12.18 -3.00
CA ILE C 36 22.45 -13.41 -2.51
C ILE C 36 21.61 -14.07 -3.60
N THR C 37 21.40 -15.39 -3.38
CA THR C 37 20.95 -16.34 -4.37
C THR C 37 19.94 -17.25 -3.69
N ASN C 38 19.18 -18.01 -4.49
CA ASN C 38 18.29 -19.01 -3.94
C ASN C 38 19.05 -20.07 -3.11
N SER C 39 20.25 -20.39 -3.57
CA SER C 39 21.06 -21.36 -2.87
C SER C 39 21.26 -20.94 -1.40
N MET C 40 21.69 -19.69 -1.20
CA MET C 40 21.96 -19.11 0.11
C MET C 40 20.70 -19.07 0.97
N ARG C 41 19.57 -18.77 0.32
CA ARG C 41 18.28 -18.67 0.99
C ARG C 41 17.90 -20.05 1.52
N ALA C 42 18.22 -21.07 0.74
CA ALA C 42 17.93 -22.45 1.12
C ALA C 42 18.67 -22.79 2.41
N ILE C 43 19.98 -22.53 2.42
CA ILE C 43 20.81 -22.71 3.60
C ILE C 43 20.14 -22.04 4.82
N LEU C 44 19.58 -20.85 4.61
CA LEU C 44 19.03 -20.08 5.72
C LEU C 44 17.77 -20.73 6.25
N VAL C 45 16.88 -21.02 5.29
CA VAL C 45 15.62 -21.64 5.67
C VAL C 45 15.89 -22.96 6.37
N ASP C 46 16.87 -23.70 5.85
CA ASP C 46 17.18 -25.02 6.35
C ASP C 46 17.65 -24.92 7.80
N TRP C 47 18.48 -23.89 8.07
CA TRP C 47 18.97 -23.59 9.40
C TRP C 47 17.81 -23.25 10.36
N LEU C 48 16.88 -22.41 9.89
CA LEU C 48 15.74 -22.04 10.72
C LEU C 48 14.87 -23.27 11.02
N VAL C 49 14.94 -24.29 10.16
CA VAL C 49 14.24 -25.54 10.43
C VAL C 49 14.90 -26.23 11.63
N GLU C 50 16.24 -26.28 11.66
CA GLU C 50 16.97 -26.78 12.81
C GLU C 50 16.62 -25.97 14.08
N VAL C 51 16.66 -24.65 13.98
CA VAL C 51 16.45 -23.81 15.20
C VAL C 51 15.06 -24.10 15.78
N GLY C 52 14.08 -24.29 14.93
CA GLY C 52 12.70 -24.55 15.40
C GLY C 52 12.62 -25.85 16.15
N GLU C 53 13.35 -26.87 15.70
CA GLU C 53 13.25 -28.20 16.36
C GLU C 53 14.21 -28.21 17.56
N GLU C 54 15.16 -27.28 17.59
CA GLU C 54 16.05 -27.16 18.77
C GLU C 54 15.26 -26.52 19.91
N TYR C 55 14.60 -25.40 19.64
CA TYR C 55 13.83 -24.69 20.69
C TYR C 55 12.42 -25.22 20.68
N LYS C 56 12.18 -26.27 19.91
CA LYS C 56 10.87 -26.92 19.90
C LYS C 56 9.77 -25.89 19.62
N LEU C 57 9.96 -25.07 18.58
CA LEU C 57 8.97 -24.11 18.14
C LEU C 57 7.90 -24.85 17.33
N GLN C 58 6.76 -24.18 17.18
CA GLN C 58 5.69 -24.64 16.32
C GLN C 58 6.12 -24.55 14.86
N ASN C 59 5.52 -25.37 14.00
CA ASN C 59 5.82 -25.31 12.57
C ASN C 59 5.28 -23.99 11.99
N GLU C 60 4.16 -23.49 12.57
CA GLU C 60 3.55 -22.24 12.14
C GLU C 60 4.59 -21.13 12.17
N THR C 61 5.37 -21.10 13.25
CA THR C 61 6.41 -20.10 13.45
C THR C 61 7.42 -20.16 12.30
N LEU C 62 7.85 -21.38 11.96
CA LEU C 62 8.76 -21.57 10.85
C LEU C 62 8.18 -20.87 9.65
N HIS C 63 6.92 -21.20 9.30
CA HIS C 63 6.32 -20.65 8.10
C HIS C 63 6.19 -19.13 8.14
N LEU C 64 5.82 -18.58 9.31
CA LEU C 64 5.71 -17.14 9.43
C LEU C 64 7.09 -16.53 9.15
N ALA C 65 8.14 -17.12 9.74
CA ALA C 65 9.45 -16.53 9.64
C ALA C 65 9.87 -16.42 8.17
N VAL C 66 9.63 -17.50 7.42
CA VAL C 66 9.98 -17.53 6.02
C VAL C 66 9.19 -16.45 5.29
N ASN C 67 7.87 -16.37 5.58
CA ASN C 67 7.02 -15.33 5.00
C ASN C 67 7.68 -13.97 5.18
N TYR C 68 8.11 -13.70 6.42
CA TYR C 68 8.66 -12.40 6.77
C TYR C 68 9.93 -12.18 5.97
N ILE C 69 10.75 -13.24 5.88
CA ILE C 69 12.07 -13.10 5.29
C ILE C 69 11.86 -12.71 3.84
N ASP C 70 10.97 -13.47 3.16
CA ASP C 70 10.77 -13.31 1.72
C ASP C 70 10.18 -11.93 1.43
N ARG C 71 9.23 -11.48 2.24
CA ARG C 71 8.65 -10.17 2.09
C ARG C 71 9.74 -9.12 2.28
N PHE C 72 10.62 -9.33 3.25
CA PHE C 72 11.64 -8.34 3.56
C PHE C 72 12.60 -8.26 2.37
N LEU C 73 12.98 -9.43 1.84
CA LEU C 73 14.03 -9.48 0.84
C LEU C 73 13.51 -8.94 -0.48
N SER C 74 12.19 -8.79 -0.59
CA SER C 74 11.52 -8.31 -1.80
C SER C 74 11.68 -6.80 -1.94
N SER C 75 11.78 -6.08 -0.80
CA SER C 75 11.96 -4.64 -0.81
C SER C 75 13.37 -4.20 -0.40
N MET C 76 14.13 -5.08 0.28
CA MET C 76 15.39 -4.68 0.90
C MET C 76 16.54 -5.56 0.42
N SER C 77 17.57 -4.89 -0.10
CA SER C 77 18.78 -5.50 -0.63
C SER C 77 19.67 -5.86 0.57
N VAL C 78 20.25 -7.08 0.59
CA VAL C 78 20.99 -7.55 1.75
C VAL C 78 22.30 -8.24 1.37
N LEU C 79 23.42 -7.88 2.01
CA LEU C 79 24.68 -8.59 1.83
C LEU C 79 24.62 -10.00 2.44
N ARG C 80 25.34 -10.94 1.81
CA ARG C 80 25.32 -12.33 2.22
C ARG C 80 25.71 -12.45 3.69
N GLY C 81 26.63 -11.56 4.13
CA GLY C 81 27.05 -11.41 5.52
C GLY C 81 25.89 -11.12 6.50
N LYS C 82 24.76 -10.56 6.00
CA LYS C 82 23.71 -10.15 6.90
C LYS C 82 22.44 -10.98 6.69
N LEU C 83 22.46 -11.89 5.72
CA LEU C 83 21.25 -12.64 5.45
C LEU C 83 20.74 -13.29 6.73
N GLN C 84 21.67 -13.83 7.54
CA GLN C 84 21.34 -14.58 8.74
C GLN C 84 20.75 -13.67 9.82
N LEU C 85 21.28 -12.46 9.94
CA LEU C 85 20.74 -11.52 10.90
C LEU C 85 19.25 -11.32 10.64
N VAL C 86 18.92 -11.26 9.36
CA VAL C 86 17.56 -11.00 8.92
C VAL C 86 16.73 -12.18 9.33
N GLY C 87 17.23 -13.39 9.03
CA GLY C 87 16.55 -14.63 9.40
C GLY C 87 16.30 -14.69 10.91
N THR C 88 17.36 -14.44 11.67
CA THR C 88 17.31 -14.48 13.12
C THR C 88 16.21 -13.52 13.61
N ALA C 89 16.18 -12.28 13.09
CA ALA C 89 15.22 -11.29 13.54
C ALA C 89 13.80 -11.72 13.16
N ALA C 90 13.69 -12.35 11.97
CA ALA C 90 12.41 -12.86 11.52
C ALA C 90 11.91 -13.95 12.48
N MET C 91 12.80 -14.88 12.87
CA MET C 91 12.45 -16.01 13.72
C MET C 91 12.00 -15.54 15.10
N LEU C 92 12.63 -14.45 15.59
CA LEU C 92 12.26 -13.81 16.83
C LEU C 92 10.86 -13.21 16.67
N LEU C 93 10.60 -12.50 15.57
CA LEU C 93 9.30 -11.88 15.43
C LEU C 93 8.21 -12.93 15.36
N ALA C 94 8.44 -13.96 14.54
CA ALA C 94 7.48 -15.03 14.38
C ALA C 94 7.21 -15.69 15.71
N SER C 95 8.28 -15.93 16.48
CA SER C 95 8.20 -16.49 17.82
C SER C 95 7.34 -15.62 18.74
N LYS C 96 7.63 -14.31 18.84
CA LYS C 96 6.87 -13.49 19.76
C LYS C 96 5.40 -13.46 19.36
N PHE C 97 5.14 -13.64 18.05
CA PHE C 97 3.79 -13.64 17.52
C PHE C 97 3.06 -14.96 17.81
N GLU C 98 3.74 -16.06 17.51
CA GLU C 98 3.04 -17.33 17.47
C GLU C 98 3.20 -18.15 18.75
N GLU C 99 4.36 -18.07 19.42
CA GLU C 99 4.68 -18.96 20.53
C GLU C 99 4.05 -18.56 21.87
N ILE C 100 3.71 -19.58 22.69
CA ILE C 100 3.29 -19.31 24.05
C ILE C 100 4.53 -18.91 24.83
N TYR C 101 5.59 -19.71 24.71
CA TYR C 101 6.85 -19.45 25.38
C TYR C 101 7.93 -19.20 24.33
N PRO C 102 8.05 -17.96 23.79
CA PRO C 102 9.07 -17.68 22.76
C PRO C 102 10.42 -17.76 23.43
N PRO C 103 11.51 -18.14 22.72
CA PRO C 103 12.82 -18.12 23.35
C PRO C 103 13.19 -16.66 23.55
N GLU C 104 14.10 -16.40 24.48
CA GLU C 104 14.55 -15.04 24.72
C GLU C 104 15.48 -14.58 23.60
N VAL C 105 15.62 -13.27 23.48
CA VAL C 105 16.53 -12.67 22.51
C VAL C 105 17.93 -13.27 22.65
N ALA C 106 18.37 -13.50 23.88
CA ALA C 106 19.73 -13.96 24.12
C ALA C 106 19.93 -15.34 23.49
N GLU C 107 18.85 -16.13 23.45
CA GLU C 107 18.93 -17.47 22.90
C GLU C 107 19.08 -17.35 21.39
N PHE C 108 18.36 -16.40 20.82
CA PHE C 108 18.52 -16.10 19.39
C PHE C 108 19.96 -15.63 19.08
N VAL C 109 20.58 -14.86 19.97
CA VAL C 109 21.99 -14.45 19.71
C VAL C 109 22.91 -15.67 19.78
N TYR C 110 22.57 -16.66 20.60
CA TYR C 110 23.46 -17.82 20.79
C TYR C 110 23.49 -18.68 19.54
N ILE C 111 22.36 -18.89 18.88
CA ILE C 111 22.31 -19.81 17.70
C ILE C 111 23.03 -19.17 16.50
N THR C 112 23.33 -17.88 16.56
CA THR C 112 24.08 -17.21 15.48
C THR C 112 25.55 -17.23 15.82
N ASP C 113 25.96 -18.14 16.70
CA ASP C 113 27.38 -18.28 17.12
C ASP C 113 28.11 -16.94 17.11
N ASP C 114 27.59 -15.95 17.85
CA ASP C 114 28.28 -14.63 18.00
C ASP C 114 28.64 -14.00 16.66
N THR C 115 27.98 -14.37 15.58
CA THR C 115 28.21 -13.65 14.31
C THR C 115 27.69 -12.26 14.54
N TYR C 116 26.73 -12.11 15.46
CA TYR C 116 26.07 -10.85 15.72
C TYR C 116 25.91 -10.62 17.22
N THR C 117 25.32 -9.46 17.56
CA THR C 117 25.15 -8.98 18.92
C THR C 117 23.67 -8.77 19.20
N LYS C 118 23.30 -8.92 20.47
CA LYS C 118 21.94 -8.66 20.92
C LYS C 118 21.46 -7.36 20.30
N LYS C 119 22.32 -6.35 20.25
CA LYS C 119 21.94 -5.04 19.73
C LYS C 119 21.55 -5.15 18.26
N GLN C 120 22.39 -5.81 17.45
CA GLN C 120 22.14 -5.98 16.03
C GLN C 120 20.81 -6.71 15.81
N VAL C 121 20.57 -7.78 16.57
CA VAL C 121 19.35 -8.52 16.41
C VAL C 121 18.15 -7.60 16.68
N LEU C 122 18.25 -6.80 17.74
CA LEU C 122 17.09 -6.03 18.17
C LEU C 122 16.83 -4.91 17.18
N ARG C 123 17.89 -4.33 16.61
CA ARG C 123 17.74 -3.23 15.63
C ARG C 123 17.20 -3.82 14.33
N MET C 124 17.66 -5.00 13.95
CA MET C 124 17.10 -5.67 12.79
C MET C 124 15.64 -6.03 13.03
N GLU C 125 15.29 -6.43 14.28
CA GLU C 125 13.92 -6.70 14.65
C GLU C 125 13.06 -5.50 14.30
N HIS C 126 13.55 -4.30 14.64
CA HIS C 126 12.76 -3.07 14.43
C HIS C 126 12.65 -2.73 12.95
N LEU C 127 13.72 -3.01 12.21
CA LEU C 127 13.70 -2.70 10.80
C LEU C 127 12.74 -3.64 10.08
N VAL C 128 12.76 -4.92 10.41
CA VAL C 128 11.81 -5.84 9.81
C VAL C 128 10.37 -5.39 10.10
N LEU C 129 10.11 -5.00 11.35
CA LEU C 129 8.78 -4.49 11.66
C LEU C 129 8.47 -3.30 10.76
N LYS C 130 9.45 -2.42 10.57
CA LYS C 130 9.23 -1.21 9.79
C LYS C 130 8.86 -1.62 8.36
N VAL C 131 9.66 -2.53 7.77
CA VAL C 131 9.50 -2.89 6.38
C VAL C 131 8.17 -3.60 6.16
N LEU C 132 7.77 -4.51 7.06
CA LEU C 132 6.51 -5.20 6.92
C LEU C 132 5.37 -4.30 7.40
N ALA C 133 5.72 -3.10 7.88
CA ALA C 133 4.76 -2.24 8.54
C ALA C 133 3.87 -3.05 9.50
N PHE C 134 4.47 -3.96 10.27
CA PHE C 134 3.75 -4.69 11.31
C PHE C 134 2.72 -5.65 10.74
N ASP C 135 2.71 -5.89 9.42
CA ASP C 135 1.77 -6.83 8.84
C ASP C 135 2.23 -8.26 9.05
N LEU C 136 2.04 -8.77 10.28
CA LEU C 136 2.65 -10.02 10.72
C LEU C 136 1.70 -11.23 10.64
N ALA C 137 0.38 -11.00 10.62
CA ALA C 137 -0.61 -12.08 10.64
C ALA C 137 -0.81 -12.65 9.24
N ALA C 138 0.25 -13.26 8.71
CA ALA C 138 0.25 -13.77 7.36
C ALA C 138 -0.44 -15.12 7.35
N PRO C 139 -1.26 -15.40 6.33
CA PRO C 139 -1.64 -16.77 6.00
C PRO C 139 -0.39 -17.55 5.62
N THR C 140 -0.33 -18.78 6.12
CA THR C 140 0.72 -19.74 5.83
C THR C 140 0.17 -21.00 5.17
N ILE C 141 1.06 -21.75 4.53
CA ILE C 141 0.74 -23.08 4.07
C ILE C 141 -0.01 -23.85 5.16
N ASN C 142 0.50 -23.78 6.40
CA ASN C 142 -0.03 -24.58 7.49
C ASN C 142 -1.47 -24.20 7.83
N GLN C 143 -1.80 -22.90 7.76
CA GLN C 143 -3.15 -22.48 8.11
C GLN C 143 -4.15 -23.10 7.14
N PHE C 144 -3.70 -23.32 5.90
CA PHE C 144 -4.54 -23.92 4.89
C PHE C 144 -4.61 -25.43 5.08
N LEU C 145 -3.44 -26.07 5.21
CA LEU C 145 -3.40 -27.50 5.43
C LEU C 145 -4.41 -27.93 6.50
N THR C 146 -4.40 -27.25 7.65
CA THR C 146 -5.17 -27.70 8.80
C THR C 146 -6.66 -27.65 8.49
N GLN C 147 -7.07 -26.69 7.64
CA GLN C 147 -8.47 -26.63 7.21
C GLN C 147 -8.84 -27.72 6.20
N TYR C 148 -7.92 -28.01 5.27
CA TYR C 148 -8.10 -29.07 4.31
C TYR C 148 -8.23 -30.41 5.05
N PHE C 149 -7.45 -30.54 6.13
CA PHE C 149 -7.43 -31.77 6.92
C PHE C 149 -8.83 -32.10 7.40
N LEU C 150 -9.65 -31.08 7.65
CA LEU C 150 -10.98 -31.39 8.17
C LEU C 150 -11.82 -32.19 7.16
N HIS C 151 -11.33 -32.34 5.93
CA HIS C 151 -12.08 -33.01 4.87
C HIS C 151 -11.60 -34.45 4.62
N GLN C 152 -10.86 -35.05 5.55
CA GLN C 152 -10.49 -36.44 5.43
C GLN C 152 -11.65 -37.29 5.94
N GLN C 153 -11.79 -38.51 5.38
CA GLN C 153 -12.83 -39.45 5.76
C GLN C 153 -12.26 -40.86 5.98
N PRO C 154 -11.80 -41.27 7.21
CA PRO C 154 -11.64 -40.40 8.38
C PRO C 154 -10.26 -39.77 8.42
N ALA C 155 -9.96 -39.01 9.49
CA ALA C 155 -8.64 -38.38 9.58
C ALA C 155 -7.55 -39.44 9.60
N ASN C 156 -6.37 -39.04 9.14
CA ASN C 156 -5.27 -39.97 8.97
C ASN C 156 -3.97 -39.23 9.25
N CYS C 157 -3.30 -39.64 10.34
CA CYS C 157 -2.06 -39.09 10.89
C CYS C 157 -0.95 -38.99 9.85
N LYS C 158 -0.76 -40.09 9.11
CA LYS C 158 0.31 -40.19 8.13
C LYS C 158 0.05 -39.18 7.02
N VAL C 159 -1.21 -39.02 6.62
CA VAL C 159 -1.58 -38.06 5.58
C VAL C 159 -1.25 -36.66 6.12
N GLU C 160 -1.75 -36.35 7.32
CA GLU C 160 -1.59 -34.99 7.84
C GLU C 160 -0.11 -34.65 7.96
N SER C 161 0.71 -35.60 8.44
CA SER C 161 2.14 -35.33 8.65
C SER C 161 2.88 -35.28 7.31
N LEU C 162 2.51 -36.14 6.34
CA LEU C 162 3.18 -36.15 5.05
C LEU C 162 2.96 -34.82 4.34
N ALA C 163 1.76 -34.24 4.53
CA ALA C 163 1.43 -32.99 3.90
C ALA C 163 2.19 -31.83 4.53
N MET C 164 2.35 -31.85 5.86
CA MET C 164 3.16 -30.87 6.57
C MET C 164 4.57 -30.83 5.96
N PHE C 165 5.16 -32.03 5.85
CA PHE C 165 6.50 -32.27 5.35
C PHE C 165 6.67 -31.68 3.94
N LEU C 166 5.78 -32.07 3.03
CA LEU C 166 5.85 -31.58 1.66
C LEU C 166 5.73 -30.06 1.63
N GLY C 167 4.76 -29.51 2.39
CA GLY C 167 4.64 -28.08 2.62
C GLY C 167 5.95 -27.46 3.06
N GLU C 168 6.67 -28.12 3.99
CA GLU C 168 7.93 -27.59 4.51
C GLU C 168 9.05 -27.71 3.49
N LEU C 169 9.08 -28.79 2.71
CA LEU C 169 10.12 -28.89 1.69
C LEU C 169 10.05 -27.69 0.75
N SER C 170 8.84 -27.19 0.51
CA SER C 170 8.59 -26.12 -0.43
C SER C 170 9.28 -24.82 0.02
N LEU C 171 9.34 -24.60 1.34
CA LEU C 171 9.95 -23.41 1.90
C LEU C 171 11.43 -23.27 1.52
N ILE C 172 12.12 -24.38 1.23
CA ILE C 172 13.55 -24.33 0.98
C ILE C 172 13.87 -23.68 -0.37
N ASP C 173 12.96 -23.81 -1.34
CA ASP C 173 13.26 -23.58 -2.75
C ASP C 173 12.38 -22.48 -3.30
N ALA C 174 12.95 -21.25 -3.30
CA ALA C 174 12.29 -20.05 -3.78
C ALA C 174 11.94 -20.24 -5.25
N ASP C 175 12.83 -20.87 -5.98
CA ASP C 175 12.50 -21.35 -7.31
C ASP C 175 12.24 -22.85 -7.26
N PRO C 176 11.00 -23.33 -7.54
CA PRO C 176 9.90 -22.51 -8.05
C PRO C 176 8.87 -21.91 -7.11
N TYR C 177 8.91 -22.23 -5.81
CA TYR C 177 7.72 -22.16 -4.96
C TYR C 177 7.31 -20.73 -4.60
N LEU C 178 8.07 -19.71 -5.04
CA LEU C 178 7.61 -18.36 -4.80
C LEU C 178 6.41 -18.05 -5.71
N LYS C 179 6.28 -18.80 -6.80
CA LYS C 179 5.26 -18.47 -7.80
C LYS C 179 3.88 -18.95 -7.34
N TYR C 180 3.82 -19.73 -6.26
CA TYR C 180 2.56 -20.33 -5.83
C TYR C 180 2.09 -19.74 -4.50
N LEU C 181 0.78 -19.46 -4.42
CA LEU C 181 0.15 -19.02 -3.18
C LEU C 181 0.14 -20.16 -2.18
N PRO C 182 0.37 -19.86 -0.88
CA PRO C 182 0.22 -20.85 0.19
C PRO C 182 -0.98 -21.78 0.05
N SER C 183 -2.14 -21.22 -0.32
CA SER C 183 -3.36 -22.01 -0.45
C SER C 183 -3.18 -23.11 -1.50
N VAL C 184 -2.33 -22.87 -2.52
CA VAL C 184 -2.14 -23.79 -3.62
C VAL C 184 -1.08 -24.83 -3.26
N ILE C 185 0.05 -24.39 -2.72
CA ILE C 185 1.07 -25.34 -2.27
C ILE C 185 0.47 -26.35 -1.29
N ALA C 186 -0.36 -25.84 -0.36
CA ALA C 186 -1.04 -26.66 0.63
C ALA C 186 -1.99 -27.63 -0.04
N ALA C 187 -2.64 -27.19 -1.12
CA ALA C 187 -3.56 -28.04 -1.83
C ALA C 187 -2.77 -29.17 -2.47
N ALA C 188 -1.63 -28.83 -3.08
CA ALA C 188 -0.85 -29.82 -3.81
C ALA C 188 -0.32 -30.86 -2.82
N ALA C 189 0.25 -30.34 -1.72
CA ALA C 189 0.81 -31.15 -0.67
C ALA C 189 -0.26 -32.11 -0.14
N PHE C 190 -1.45 -31.56 0.14
CA PHE C 190 -2.51 -32.36 0.73
C PHE C 190 -2.88 -33.51 -0.20
N HIS C 191 -2.99 -33.22 -1.51
CA HIS C 191 -3.37 -34.22 -2.50
C HIS C 191 -2.21 -35.20 -2.69
N LEU C 192 -0.98 -34.68 -2.72
CA LEU C 192 0.16 -35.55 -2.92
C LEU C 192 0.21 -36.53 -1.75
N ALA C 193 0.01 -36.01 -0.53
CA ALA C 193 0.09 -36.81 0.69
C ALA C 193 -0.99 -37.90 0.69
N LEU C 194 -2.23 -37.43 0.55
CA LEU C 194 -3.43 -38.25 0.48
C LEU C 194 -3.22 -39.38 -0.52
N TYR C 195 -2.76 -39.05 -1.73
CA TYR C 195 -2.49 -40.11 -2.73
C TYR C 195 -1.43 -41.07 -2.21
N THR C 196 -0.21 -40.59 -1.96
CA THR C 196 0.90 -41.45 -1.54
C THR C 196 0.46 -42.42 -0.47
N VAL C 197 -0.36 -42.00 0.48
CA VAL C 197 -0.71 -42.91 1.62
C VAL C 197 -1.99 -43.69 1.33
N THR C 198 -3.02 -43.05 0.79
CA THR C 198 -4.32 -43.74 0.64
C THR C 198 -4.66 -44.04 -0.79
N GLY C 199 -3.94 -43.48 -1.75
CA GLY C 199 -4.32 -43.67 -3.16
C GLY C 199 -5.48 -42.78 -3.53
N GLN C 200 -6.00 -42.02 -2.57
CA GLN C 200 -7.17 -41.16 -2.84
C GLN C 200 -6.70 -39.84 -3.44
N SER C 201 -7.64 -38.96 -3.78
CA SER C 201 -7.25 -37.72 -4.49
C SER C 201 -8.02 -36.50 -3.97
N TRP C 202 -7.56 -35.31 -4.35
CA TRP C 202 -8.20 -34.03 -3.94
C TRP C 202 -9.71 -34.19 -3.81
N PRO C 203 -10.27 -34.00 -2.60
CA PRO C 203 -11.69 -34.18 -2.39
C PRO C 203 -12.55 -33.14 -3.08
N GLU C 204 -13.76 -33.54 -3.48
CA GLU C 204 -14.71 -32.61 -4.14
C GLU C 204 -15.15 -31.55 -3.12
N SER C 205 -15.20 -31.94 -1.86
CA SER C 205 -15.63 -31.00 -0.80
C SER C 205 -14.63 -29.84 -0.76
N LEU C 206 -13.37 -30.12 -1.08
CA LEU C 206 -12.33 -29.07 -1.07
C LEU C 206 -12.38 -28.32 -2.40
N VAL C 207 -12.89 -28.96 -3.45
CA VAL C 207 -13.11 -28.23 -4.73
C VAL C 207 -14.27 -27.26 -4.44
N GLN C 208 -15.22 -27.71 -3.63
CA GLN C 208 -16.33 -26.82 -3.25
C GLN C 208 -15.79 -25.62 -2.47
N LYS C 209 -14.89 -25.90 -1.51
CA LYS C 209 -14.45 -24.86 -0.59
C LYS C 209 -13.49 -23.91 -1.30
N THR C 210 -12.53 -24.48 -2.06
CA THR C 210 -11.39 -23.73 -2.55
C THR C 210 -11.64 -23.16 -3.94
N GLY C 211 -12.45 -23.86 -4.73
CA GLY C 211 -12.52 -23.62 -6.16
C GLY C 211 -11.37 -24.23 -6.95
N TYR C 212 -10.41 -24.87 -6.29
CA TYR C 212 -9.32 -25.47 -7.02
C TYR C 212 -9.65 -26.91 -7.37
N THR C 213 -9.17 -27.36 -8.54
CA THR C 213 -9.25 -28.76 -8.99
C THR C 213 -7.83 -29.29 -9.24
N LEU C 214 -7.72 -30.60 -9.48
CA LEU C 214 -6.46 -31.17 -9.91
C LEU C 214 -5.95 -30.43 -11.14
N GLU C 215 -6.86 -30.05 -12.05
CA GLU C 215 -6.49 -29.22 -13.19
C GLU C 215 -5.69 -28.01 -12.72
N THR C 216 -6.21 -27.23 -11.76
CA THR C 216 -5.55 -25.98 -11.41
C THR C 216 -4.32 -26.20 -10.54
N LEU C 217 -4.28 -27.30 -9.76
CA LEU C 217 -3.13 -27.63 -8.92
C LEU C 217 -2.00 -28.25 -9.72
N LYS C 218 -2.28 -28.71 -10.94
CA LYS C 218 -1.38 -29.52 -11.74
C LYS C 218 0.05 -28.98 -11.76
N PRO C 219 0.31 -27.71 -12.15
CA PRO C 219 1.70 -27.22 -12.21
C PRO C 219 2.49 -27.36 -10.90
N CYS C 220 1.90 -26.82 -9.83
CA CYS C 220 2.44 -26.95 -8.49
C CYS C 220 2.68 -28.43 -8.13
N LEU C 221 1.66 -29.26 -8.33
CA LEU C 221 1.71 -30.67 -7.98
C LEU C 221 2.82 -31.39 -8.75
N LEU C 222 3.09 -30.99 -9.98
CA LEU C 222 4.18 -31.57 -10.73
C LEU C 222 5.54 -31.13 -10.18
N ASP C 223 5.66 -29.89 -9.70
CA ASP C 223 6.88 -29.40 -9.08
C ASP C 223 7.16 -30.08 -7.73
N LEU C 224 6.09 -30.18 -6.94
CA LEU C 224 6.14 -30.73 -5.61
C LEU C 224 6.47 -32.21 -5.74
N HIS C 225 5.83 -32.86 -6.72
CA HIS C 225 6.09 -34.27 -6.96
C HIS C 225 7.57 -34.50 -7.25
N GLN C 226 8.22 -33.61 -8.02
CA GLN C 226 9.65 -33.73 -8.25
C GLN C 226 10.39 -33.47 -6.94
N THR C 227 10.04 -32.35 -6.28
CA THR C 227 10.74 -31.97 -5.07
C THR C 227 10.81 -33.15 -4.13
N TYR C 228 9.68 -33.85 -3.97
CA TYR C 228 9.53 -35.07 -3.17
C TYR C 228 10.41 -36.20 -3.69
N LEU C 229 10.42 -36.46 -5.00
CA LEU C 229 11.23 -37.56 -5.50
C LEU C 229 12.71 -37.26 -5.26
N ARG C 230 13.12 -35.98 -5.39
CA ARG C 230 14.53 -35.61 -5.32
C ARG C 230 14.95 -35.37 -3.87
N ALA C 231 13.99 -35.42 -2.94
CA ALA C 231 14.29 -34.92 -1.60
C ALA C 231 15.57 -35.55 -1.05
N PRO C 232 15.74 -36.89 -1.09
CA PRO C 232 16.95 -37.52 -0.55
C PRO C 232 18.25 -36.93 -1.08
N GLN C 233 18.22 -36.36 -2.31
CA GLN C 233 19.41 -35.90 -3.00
C GLN C 233 19.69 -34.43 -2.70
N HIS C 234 18.67 -33.69 -2.23
CA HIS C 234 18.79 -32.24 -2.00
C HIS C 234 19.96 -31.96 -1.05
N ALA C 235 20.63 -30.82 -1.27
CA ALA C 235 21.71 -30.37 -0.40
C ALA C 235 21.24 -30.13 1.03
N GLN C 236 19.97 -29.73 1.21
CA GLN C 236 19.39 -29.40 2.50
C GLN C 236 18.53 -30.56 2.99
N GLN C 237 18.84 -31.07 4.19
CA GLN C 237 18.28 -32.31 4.71
C GLN C 237 17.60 -32.14 6.07
N SER C 238 17.63 -30.92 6.64
CA SER C 238 17.11 -30.70 7.98
C SER C 238 15.64 -31.06 8.08
N ILE C 239 14.86 -30.85 7.03
CA ILE C 239 13.44 -31.17 7.10
C ILE C 239 13.27 -32.70 7.11
N ARG C 240 14.03 -33.41 6.28
CA ARG C 240 13.92 -34.85 6.25
C ARG C 240 14.24 -35.40 7.64
N GLU C 241 15.35 -34.93 8.23
CA GLU C 241 15.77 -35.39 9.55
C GLU C 241 14.62 -35.18 10.53
N LYS C 242 14.07 -33.96 10.54
CA LYS C 242 12.97 -33.58 11.41
C LYS C 242 11.83 -34.59 11.25
N TYR C 243 11.44 -34.89 10.01
CA TYR C 243 10.28 -35.72 9.81
C TYR C 243 10.59 -37.22 9.90
N LYS C 244 11.82 -37.63 10.23
CA LYS C 244 12.07 -39.01 10.65
C LYS C 244 11.49 -39.28 12.05
N ASN C 245 11.20 -38.20 12.79
CA ASN C 245 10.81 -38.26 14.19
C ASN C 245 9.40 -38.82 14.34
N SER C 246 9.19 -39.57 15.44
CA SER C 246 7.91 -40.17 15.77
C SER C 246 6.82 -39.11 15.92
N LYS C 247 7.23 -37.90 16.31
CA LYS C 247 6.33 -36.77 16.49
C LYS C 247 5.55 -36.54 15.20
N TYR C 248 6.23 -36.72 14.06
CA TYR C 248 5.60 -36.51 12.76
C TYR C 248 5.42 -37.86 12.05
N HIS C 249 5.46 -38.95 12.80
CA HIS C 249 5.05 -40.25 12.30
C HIS C 249 6.07 -40.81 11.32
N GLY C 250 7.29 -40.29 11.34
CA GLY C 250 8.37 -40.87 10.54
C GLY C 250 8.15 -40.73 9.05
N VAL C 251 7.35 -39.75 8.61
CA VAL C 251 6.84 -39.73 7.25
C VAL C 251 7.93 -39.52 6.20
N SER C 252 9.04 -38.86 6.55
CA SER C 252 10.12 -38.65 5.59
C SER C 252 10.72 -40.00 5.16
N LEU C 253 10.24 -41.08 5.79
CA LEU C 253 10.71 -42.43 5.52
C LEU C 253 9.81 -43.12 4.49
N LEU C 254 8.54 -42.66 4.35
CA LEU C 254 7.64 -43.17 3.33
C LEU C 254 8.27 -42.98 1.95
N ASN C 255 8.02 -43.94 1.04
CA ASN C 255 8.46 -43.87 -0.36
C ASN C 255 7.51 -43.04 -1.22
N PRO C 256 7.99 -41.97 -1.91
CA PRO C 256 7.11 -41.19 -2.78
C PRO C 256 6.59 -42.09 -3.89
N PRO C 257 5.43 -41.80 -4.51
CA PRO C 257 4.98 -42.51 -5.72
C PRO C 257 5.80 -42.25 -6.99
N GLU C 258 5.98 -43.30 -7.80
CA GLU C 258 6.74 -43.21 -9.05
C GLU C 258 6.03 -42.25 -10.01
N THR C 259 4.70 -42.34 -10.08
CA THR C 259 3.84 -41.53 -10.96
C THR C 259 2.66 -40.96 -10.17
N LEU C 260 1.82 -40.12 -10.80
CA LEU C 260 0.64 -39.56 -10.15
C LEU C 260 -0.64 -40.03 -10.82
N ASN C 261 -0.48 -40.83 -11.89
CA ASN C 261 -1.60 -41.17 -12.78
C ASN C 261 -2.11 -39.93 -13.55
N GLY D 3 11.62 5.72 7.23
CA GLY D 3 12.70 4.90 7.80
C GLY D 3 13.43 5.65 8.90
N SER D 4 14.72 5.36 9.10
CA SER D 4 15.49 6.01 10.19
C SER D 4 16.91 6.33 9.71
N MET D 5 17.44 7.47 10.13
CA MET D 5 18.79 7.86 9.67
C MET D 5 19.86 7.30 10.62
N GLU D 6 19.46 6.40 11.52
CA GLU D 6 20.40 5.85 12.53
C GLU D 6 21.04 4.60 11.94
N ASN D 7 20.34 3.96 11.00
CA ASN D 7 20.88 2.73 10.37
C ASN D 7 21.76 3.10 9.18
N PHE D 8 21.86 4.39 8.85
CA PHE D 8 22.80 4.76 7.81
C PHE D 8 24.08 5.30 8.44
N GLN D 9 25.23 4.78 7.96
CA GLN D 9 26.55 5.30 8.27
C GLN D 9 27.06 6.03 7.03
N LYS D 10 27.25 7.35 7.16
CA LYS D 10 27.70 8.18 6.05
C LYS D 10 29.13 7.78 5.68
N VAL D 11 29.44 7.74 4.39
CA VAL D 11 30.75 7.29 3.94
C VAL D 11 31.50 8.45 3.30
N GLU D 12 30.88 9.17 2.39
CA GLU D 12 31.51 10.36 1.86
C GLU D 12 30.46 11.22 1.16
N LYS D 13 30.83 12.47 0.86
CA LYS D 13 29.92 13.34 0.07
C LYS D 13 30.25 13.06 -1.40
N ILE D 14 29.28 12.58 -2.17
CA ILE D 14 29.57 12.20 -3.58
C ILE D 14 29.15 13.35 -4.49
N GLY D 15 28.57 14.41 -3.92
CA GLY D 15 28.10 15.53 -4.73
C GLY D 15 27.24 16.48 -3.93
N GLU D 16 26.70 17.50 -4.58
CA GLU D 16 25.85 18.49 -3.89
C GLU D 16 24.87 19.09 -4.91
N GLY D 17 24.08 20.10 -4.53
CA GLY D 17 23.18 20.77 -5.49
C GLY D 17 22.35 21.83 -4.81
N THR D 18 21.64 22.63 -5.60
CA THR D 18 20.83 23.75 -5.08
C THR D 18 19.88 23.26 -4.03
N TYR D 19 19.62 21.96 -3.99
CA TYR D 19 18.57 21.48 -3.04
C TYR D 19 19.19 20.65 -1.93
N GLY D 20 20.51 20.46 -1.97
CA GLY D 20 21.13 19.76 -0.84
C GLY D 20 22.35 18.99 -1.22
N VAL D 21 22.87 18.21 -0.28
CA VAL D 21 24.14 17.45 -0.51
C VAL D 21 23.81 15.96 -0.71
N VAL D 22 24.58 15.29 -1.56
CA VAL D 22 24.42 13.87 -1.81
C VAL D 22 25.58 13.16 -1.12
N TYR D 23 25.26 12.14 -0.32
CA TYR D 23 26.27 11.36 0.36
C TYR D 23 26.19 9.92 -0.13
N LYS D 24 27.31 9.20 -0.02
CA LYS D 24 27.25 7.77 -0.18
C LYS D 24 27.19 7.18 1.22
N ALA D 25 26.33 6.17 1.41
CA ALA D 25 26.02 5.70 2.76
C ALA D 25 25.98 4.18 2.76
N ARG D 26 25.98 3.61 3.94
CA ARG D 26 25.95 2.18 4.09
C ARG D 26 24.88 1.83 5.13
N ASN D 27 23.88 1.05 4.73
CA ASN D 27 22.94 0.50 5.69
C ASN D 27 23.67 -0.39 6.69
N LYS D 28 23.69 -0.03 7.98
CA LYS D 28 24.47 -0.75 8.96
C LYS D 28 23.90 -2.15 9.17
N LEU D 29 22.63 -2.36 8.81
CA LEU D 29 21.95 -3.59 9.20
C LEU D 29 21.92 -4.59 8.05
N THR D 30 21.79 -4.10 6.80
CA THR D 30 21.68 -4.94 5.61
C THR D 30 22.95 -4.96 4.75
N GLY D 31 23.84 -3.97 4.89
CA GLY D 31 25.08 -3.92 4.11
C GLY D 31 24.94 -3.13 2.81
N GLU D 32 23.69 -2.93 2.37
CA GLU D 32 23.37 -2.16 1.18
C GLU D 32 24.06 -0.80 1.21
N VAL D 33 24.68 -0.40 0.09
CA VAL D 33 25.29 0.90 -0.05
C VAL D 33 24.34 1.78 -0.83
N VAL D 34 24.11 3.01 -0.36
CA VAL D 34 23.13 3.86 -0.99
C VAL D 34 23.74 5.24 -1.26
N ALA D 35 23.02 6.09 -2.01
CA ALA D 35 23.25 7.51 -2.07
C ALA D 35 22.12 8.17 -1.30
N LEU D 36 22.43 9.09 -0.39
CA LEU D 36 21.44 9.87 0.33
C LEU D 36 21.42 11.30 -0.19
N LYS D 37 20.28 11.72 -0.77
CA LYS D 37 20.01 13.11 -1.07
C LYS D 37 19.28 13.76 0.11
N LYS D 38 19.94 14.71 0.77
CA LYS D 38 19.35 15.46 1.87
C LYS D 38 18.78 16.76 1.33
N ILE D 39 17.44 16.90 1.35
CA ILE D 39 16.77 18.11 0.88
C ILE D 39 16.26 18.90 2.09
N ARG D 40 16.78 20.11 2.27
CA ARG D 40 16.42 20.92 3.47
C ARG D 40 15.01 21.49 3.30
N LEU D 41 14.25 21.48 4.39
CA LEU D 41 12.87 21.94 4.28
C LEU D 41 12.78 23.36 4.84
N ASP D 42 12.26 24.27 4.02
CA ASP D 42 12.06 25.68 4.35
C ASP D 42 10.82 25.82 5.24
N THR D 43 10.90 25.40 6.50
CA THR D 43 9.70 25.13 7.28
C THR D 43 8.94 26.39 7.71
N GLU D 44 9.51 27.57 7.48
CA GLU D 44 8.84 28.82 7.86
C GLU D 44 8.52 29.66 6.63
N THR D 45 8.97 29.23 5.46
CA THR D 45 8.91 30.10 4.30
C THR D 45 8.20 29.39 3.15
N GLU D 46 8.90 28.51 2.42
CA GLU D 46 8.38 27.98 1.16
C GLU D 46 8.00 26.50 1.21
N GLY D 47 8.31 25.76 2.29
CA GLY D 47 7.86 24.38 2.42
C GLY D 47 8.72 23.44 1.59
N VAL D 48 8.14 22.36 1.07
CA VAL D 48 8.90 21.36 0.35
C VAL D 48 9.09 21.88 -1.07
N PRO D 49 10.33 21.85 -1.61
CA PRO D 49 10.59 22.38 -2.96
C PRO D 49 9.80 21.64 -4.03
N SER D 50 9.21 22.41 -4.94
CA SER D 50 8.49 21.82 -6.07
C SER D 50 9.37 20.80 -6.80
N THR D 51 10.68 21.07 -6.85
CA THR D 51 11.58 20.17 -7.55
C THR D 51 11.65 18.80 -6.86
N ALA D 52 11.61 18.78 -5.52
CA ALA D 52 11.62 17.52 -4.78
C ALA D 52 10.28 16.82 -4.93
N ILE D 53 9.18 17.58 -4.89
CA ILE D 53 7.84 17.03 -5.04
C ILE D 53 7.70 16.29 -6.36
N ARG D 54 8.19 16.92 -7.43
CA ARG D 54 8.21 16.26 -8.73
C ARG D 54 9.12 15.03 -8.73
N GLU D 55 10.36 15.16 -8.24
CA GLU D 55 11.30 14.06 -8.33
C GLU D 55 10.76 12.83 -7.61
N ILE D 56 10.30 13.00 -6.37
CA ILE D 56 9.84 11.89 -5.56
C ILE D 56 8.61 11.27 -6.21
N SER D 57 7.59 12.09 -6.47
CA SER D 57 6.33 11.64 -7.07
C SER D 57 6.59 10.84 -8.34
N LEU D 58 7.47 11.34 -9.21
CA LEU D 58 7.69 10.77 -10.54
C LEU D 58 8.50 9.47 -10.46
N LEU D 59 9.57 9.48 -9.65
CA LEU D 59 10.43 8.31 -9.48
C LEU D 59 9.66 7.20 -8.76
N LYS D 60 8.67 7.60 -7.96
CA LYS D 60 7.82 6.62 -7.31
C LYS D 60 7.02 5.81 -8.35
N GLU D 61 6.86 6.37 -9.56
CA GLU D 61 6.09 5.72 -10.60
C GLU D 61 6.96 5.00 -11.63
N LEU D 62 8.25 5.32 -11.70
CA LEU D 62 9.08 4.86 -12.80
C LEU D 62 9.95 3.68 -12.34
N ASN D 63 9.36 2.48 -12.31
CA ASN D 63 10.09 1.28 -11.94
C ASN D 63 10.55 0.52 -13.18
N HIS D 64 11.79 0.79 -13.58
CA HIS D 64 12.40 0.19 -14.75
C HIS D 64 13.90 0.03 -14.49
N PRO D 65 14.54 -1.07 -14.92
CA PRO D 65 15.96 -1.27 -14.60
C PRO D 65 16.96 -0.24 -15.15
N ASN D 66 16.51 0.69 -16.02
CA ASN D 66 17.37 1.70 -16.62
C ASN D 66 16.99 3.11 -16.16
N ILE D 67 16.14 3.16 -15.13
CA ILE D 67 15.90 4.40 -14.42
C ILE D 67 16.42 4.19 -12.99
N VAL D 68 17.10 5.20 -12.42
CA VAL D 68 17.64 5.08 -11.07
C VAL D 68 16.49 4.81 -10.09
N LYS D 69 16.73 3.94 -9.09
CA LYS D 69 15.67 3.55 -8.17
C LYS D 69 15.71 4.44 -6.94
N LEU D 70 14.60 5.14 -6.68
CA LEU D 70 14.34 5.70 -5.36
C LEU D 70 13.88 4.55 -4.44
N LEU D 71 14.66 4.25 -3.41
CA LEU D 71 14.41 3.15 -2.48
C LEU D 71 13.58 3.59 -1.28
N ASP D 72 13.71 4.85 -0.84
CA ASP D 72 13.01 5.33 0.33
C ASP D 72 13.03 6.86 0.43
N VAL D 73 12.06 7.41 1.15
CA VAL D 73 12.07 8.82 1.54
C VAL D 73 11.86 8.88 3.04
N ILE D 74 12.87 9.37 3.75
CA ILE D 74 12.81 9.45 5.19
C ILE D 74 12.50 10.89 5.55
N HIS D 75 11.54 11.09 6.47
CA HIS D 75 11.05 12.41 6.85
C HIS D 75 11.53 12.81 8.24
N THR D 76 11.89 14.09 8.41
CA THR D 76 11.93 14.76 9.70
C THR D 76 10.89 15.87 9.62
N GLU D 77 10.84 16.69 10.69
CA GLU D 77 10.11 17.95 10.63
C GLU D 77 10.88 18.95 9.74
N ASN D 78 12.22 18.77 9.62
CA ASN D 78 13.13 19.79 9.13
C ASN D 78 13.94 19.34 7.91
N LYS D 79 13.95 18.04 7.60
CA LYS D 79 14.73 17.53 6.48
C LYS D 79 13.95 16.45 5.75
N LEU D 80 14.27 16.26 4.48
CA LEU D 80 13.81 15.08 3.77
C LEU D 80 15.05 14.36 3.24
N TYR D 81 15.14 13.06 3.51
CA TYR D 81 16.27 12.33 2.97
C TYR D 81 15.79 11.38 1.87
N LEU D 82 16.35 11.54 0.67
CA LEU D 82 16.06 10.59 -0.39
C LEU D 82 17.10 9.47 -0.41
N VAL D 83 16.64 8.24 -0.39
CA VAL D 83 17.54 7.11 -0.40
C VAL D 83 17.49 6.51 -1.79
N PHE D 84 18.62 6.56 -2.49
CA PHE D 84 18.71 6.06 -3.86
C PHE D 84 19.63 4.86 -3.88
N GLU D 85 19.48 4.03 -4.90
CA GLU D 85 20.49 3.02 -5.15
C GLU D 85 21.79 3.75 -5.47
N PHE D 86 22.89 3.24 -4.92
CA PHE D 86 24.21 3.75 -5.22
C PHE D 86 24.75 3.10 -6.48
N LEU D 87 25.13 3.95 -7.44
CA LEU D 87 25.82 3.56 -8.65
C LEU D 87 27.20 4.24 -8.69
N HIS D 88 28.15 3.53 -9.29
CA HIS D 88 29.58 3.75 -9.15
C HIS D 88 30.03 5.11 -9.68
N GLN D 89 29.59 5.50 -10.90
CA GLN D 89 29.79 6.88 -11.32
C GLN D 89 28.83 7.32 -12.43
N ASP D 90 29.02 8.55 -12.91
CA ASP D 90 28.25 9.08 -14.03
C ASP D 90 29.02 8.98 -15.37
N LEU D 91 28.25 9.09 -16.45
CA LEU D 91 28.77 8.92 -17.80
C LEU D 91 29.82 9.99 -18.11
N LYS D 92 29.58 11.22 -17.64
CA LYS D 92 30.52 12.31 -17.78
C LYS D 92 31.89 11.95 -17.19
N LYS D 93 31.87 11.36 -15.98
CA LYS D 93 33.11 11.08 -15.28
C LYS D 93 33.83 9.98 -16.04
N PHE D 94 33.03 9.03 -16.53
CA PHE D 94 33.53 7.87 -17.26
C PHE D 94 34.19 8.26 -18.58
N MET D 95 33.48 9.08 -19.37
CA MET D 95 34.03 9.52 -20.66
C MET D 95 35.33 10.30 -20.42
N ASP D 96 35.39 11.08 -19.34
CA ASP D 96 36.58 11.91 -19.05
C ASP D 96 37.74 11.00 -18.67
N ALA D 97 37.45 9.86 -18.06
CA ALA D 97 38.48 8.89 -17.66
C ALA D 97 38.77 7.98 -18.83
N SER D 98 37.81 7.77 -19.71
CA SER D 98 38.10 7.00 -20.94
C SER D 98 38.68 7.96 -21.98
N ALA D 99 39.09 9.17 -21.56
CA ALA D 99 39.58 10.21 -22.50
C ALA D 99 40.66 9.72 -23.45
N LEU D 100 41.52 8.82 -22.99
CA LEU D 100 42.64 8.41 -23.86
C LEU D 100 42.38 6.98 -24.34
N THR D 101 42.07 6.07 -23.42
CA THR D 101 41.81 4.66 -23.77
C THR D 101 40.71 4.59 -24.81
N GLY D 102 39.74 5.50 -24.73
CA GLY D 102 38.60 5.43 -25.64
C GLY D 102 37.50 4.60 -25.04
N ILE D 103 36.28 4.77 -25.53
CA ILE D 103 35.15 3.92 -25.05
C ILE D 103 34.84 2.90 -26.16
N PRO D 104 34.91 1.59 -25.86
CA PRO D 104 34.57 0.59 -26.86
C PRO D 104 33.19 0.77 -27.48
N LEU D 105 33.10 0.57 -28.79
CA LEU D 105 31.85 0.69 -29.54
C LEU D 105 30.71 -0.18 -28.97
N PRO D 106 30.90 -1.48 -28.65
CA PRO D 106 29.80 -2.29 -28.15
C PRO D 106 29.30 -1.78 -26.81
N LEU D 107 30.20 -1.15 -26.03
CA LEU D 107 29.77 -0.53 -24.80
C LEU D 107 28.93 0.71 -25.10
N ILE D 108 29.35 1.52 -26.10
CA ILE D 108 28.56 2.68 -26.52
C ILE D 108 27.14 2.24 -26.93
N LYS D 109 27.10 1.22 -27.78
CA LYS D 109 25.84 0.73 -28.31
C LYS D 109 24.96 0.20 -27.18
N SER D 110 25.57 -0.55 -26.22
CA SER D 110 24.86 -1.05 -25.07
C SER D 110 24.22 0.12 -24.33
N TYR D 111 25.06 1.11 -23.98
CA TYR D 111 24.66 2.22 -23.14
C TYR D 111 23.55 3.01 -23.84
N LEU D 112 23.70 3.22 -25.16
CA LEU D 112 22.67 3.98 -25.84
C LEU D 112 21.36 3.20 -25.81
N PHE D 113 21.46 1.89 -26.04
CA PHE D 113 20.31 1.02 -26.10
C PHE D 113 19.54 1.10 -24.77
N GLN D 114 20.29 1.07 -23.67
CA GLN D 114 19.70 1.11 -22.34
C GLN D 114 19.05 2.47 -22.09
N LEU D 115 19.76 3.53 -22.46
CA LEU D 115 19.23 4.88 -22.30
C LEU D 115 17.88 5.02 -23.01
N LEU D 116 17.77 4.40 -24.19
CA LEU D 116 16.58 4.45 -25.00
C LEU D 116 15.47 3.63 -24.36
N GLN D 117 15.83 2.46 -23.79
CA GLN D 117 14.87 1.64 -23.06
C GLN D 117 14.33 2.37 -21.84
N GLY D 118 15.23 3.01 -21.08
CA GLY D 118 14.83 3.81 -19.94
C GLY D 118 13.93 4.96 -20.36
N LEU D 119 14.31 5.62 -21.46
CA LEU D 119 13.61 6.82 -21.88
C LEU D 119 12.21 6.45 -22.39
N ALA D 120 12.12 5.37 -23.16
CA ALA D 120 10.86 4.92 -23.73
C ALA D 120 9.82 4.65 -22.63
N PHE D 121 10.31 4.16 -21.48
CA PHE D 121 9.49 3.96 -20.28
C PHE D 121 8.96 5.29 -19.76
N CYS D 122 9.80 6.33 -19.74
CA CYS D 122 9.37 7.63 -19.23
C CYS D 122 8.24 8.16 -20.07
N HIS D 123 8.45 8.13 -21.40
CA HIS D 123 7.51 8.66 -22.38
C HIS D 123 6.21 7.86 -22.34
N SER D 124 6.32 6.51 -22.23
CA SER D 124 5.20 5.60 -22.02
C SER D 124 4.44 5.89 -20.74
N HIS D 125 5.05 6.65 -19.81
CA HIS D 125 4.43 6.98 -18.53
C HIS D 125 4.28 8.48 -18.37
N ARG D 126 4.24 9.20 -19.51
CA ARG D 126 3.89 10.62 -19.60
C ARG D 126 4.84 11.46 -18.73
N VAL D 127 6.13 11.07 -18.68
CA VAL D 127 7.15 11.83 -17.95
C VAL D 127 8.22 12.27 -18.94
N LEU D 128 8.40 13.59 -19.04
CA LEU D 128 9.58 14.20 -19.66
C LEU D 128 10.72 14.30 -18.66
N HIS D 129 11.96 14.17 -19.12
CA HIS D 129 13.11 14.24 -18.23
C HIS D 129 13.64 15.68 -18.24
N ARG D 130 13.84 16.22 -19.44
CA ARG D 130 14.24 17.61 -19.67
C ARG D 130 15.60 17.95 -19.07
N ASP D 131 16.42 16.94 -18.76
CA ASP D 131 17.79 17.25 -18.36
C ASP D 131 18.70 16.03 -18.56
N LEU D 132 18.54 15.39 -19.72
CA LEU D 132 19.45 14.31 -20.05
C LEU D 132 20.75 14.97 -20.42
N LYS D 133 21.83 14.53 -19.80
CA LYS D 133 23.20 14.93 -20.08
C LYS D 133 24.12 14.00 -19.29
N PRO D 134 25.40 13.87 -19.67
CA PRO D 134 26.23 12.78 -19.14
C PRO D 134 26.30 12.72 -17.61
N GLN D 135 26.22 13.89 -16.96
CA GLN D 135 26.37 14.00 -15.52
C GLN D 135 25.14 13.47 -14.80
N ASN D 136 24.07 13.17 -15.54
CA ASN D 136 22.81 12.72 -14.96
C ASN D 136 22.56 11.25 -15.34
N LEU D 137 23.56 10.60 -15.94
CA LEU D 137 23.46 9.21 -16.32
C LEU D 137 24.51 8.42 -15.53
N LEU D 138 24.01 7.41 -14.83
CA LEU D 138 24.77 6.66 -13.86
C LEU D 138 25.07 5.27 -14.41
N ILE D 139 26.35 4.88 -14.35
CA ILE D 139 26.72 3.52 -14.69
C ILE D 139 27.16 2.78 -13.43
N ASN D 140 27.22 1.45 -13.53
CA ASN D 140 27.84 0.60 -12.51
C ASN D 140 28.91 -0.26 -13.18
N THR D 141 29.40 -1.25 -12.42
CA THR D 141 30.57 -2.04 -12.78
C THR D 141 30.19 -3.22 -13.67
N GLU D 142 28.88 -3.45 -13.82
CA GLU D 142 28.32 -4.62 -14.48
C GLU D 142 27.84 -4.29 -15.89
N GLY D 143 28.04 -3.06 -16.35
CA GLY D 143 27.72 -2.64 -17.69
C GLY D 143 26.34 -2.00 -17.84
N ALA D 144 25.68 -1.69 -16.71
CA ALA D 144 24.37 -1.05 -16.69
C ALA D 144 24.51 0.48 -16.70
N ILE D 145 23.55 1.18 -17.34
CA ILE D 145 23.42 2.64 -17.26
C ILE D 145 21.97 3.03 -16.97
N LYS D 146 21.76 4.16 -16.30
CA LYS D 146 20.42 4.54 -15.90
C LYS D 146 20.21 6.05 -15.94
N LEU D 147 18.98 6.47 -16.27
CA LEU D 147 18.59 7.87 -16.20
C LEU D 147 18.57 8.23 -14.73
N ALA D 148 19.13 9.38 -14.35
CA ALA D 148 18.96 9.80 -12.98
C ALA D 148 18.62 11.29 -12.97
N ASP D 149 18.55 11.88 -11.76
CA ASP D 149 18.20 13.27 -11.47
C ASP D 149 16.92 13.72 -12.18
N PHE D 150 15.78 13.31 -11.61
CA PHE D 150 14.47 13.64 -12.16
C PHE D 150 14.00 14.97 -11.58
N GLY D 151 14.98 15.82 -11.21
CA GLY D 151 14.74 17.08 -10.54
C GLY D 151 13.91 18.02 -11.41
N LEU D 152 14.20 17.99 -12.73
CA LEU D 152 13.60 18.90 -13.70
C LEU D 152 12.57 18.20 -14.56
N ALA D 153 12.25 16.96 -14.19
CA ALA D 153 11.25 16.19 -14.95
C ALA D 153 9.86 16.77 -14.71
N ARG D 154 8.92 16.33 -15.56
CA ARG D 154 7.55 16.82 -15.56
C ARG D 154 6.60 15.76 -16.09
N ALA D 155 5.49 15.52 -15.40
CA ALA D 155 4.45 14.66 -15.96
C ALA D 155 3.69 15.47 -17.01
N PHE D 156 3.44 14.88 -18.18
CA PHE D 156 2.86 15.66 -19.27
C PHE D 156 1.48 15.13 -19.64
N GLY D 157 0.71 15.97 -20.35
CA GLY D 157 -0.60 15.58 -20.85
C GLY D 157 -0.58 15.40 -22.36
N VAL D 158 -1.58 14.70 -22.91
CA VAL D 158 -1.69 14.51 -24.36
C VAL D 158 -2.90 15.29 -24.84
N PRO D 159 -2.79 16.31 -25.75
CA PRO D 159 -1.51 16.85 -26.22
C PRO D 159 -0.77 17.65 -25.15
N VAL D 160 0.49 17.94 -25.40
CA VAL D 160 1.32 18.70 -24.42
C VAL D 160 0.82 20.14 -24.35
N ARG D 161 1.21 20.83 -23.29
CA ARG D 161 0.86 22.27 -23.15
C ARG D 161 2.17 23.01 -22.90
N THR D 162 2.10 24.33 -22.75
CA THR D 162 3.31 25.12 -22.49
C THR D 162 3.88 24.73 -21.15
N TYR D 163 5.09 24.18 -21.13
CA TYR D 163 5.76 23.87 -19.84
C TYR D 163 6.93 24.85 -19.72
N TPO D 164 7.64 24.80 -18.60
CA TPO D 164 8.77 25.73 -18.37
CB TPO D 164 9.48 25.39 -17.06
CG2 TPO D 164 10.40 26.50 -16.59
OG1 TPO D 164 8.44 25.23 -16.04
P TPO D 164 8.12 23.77 -15.46
O1P TPO D 164 7.46 23.01 -16.56
O2P TPO D 164 7.21 24.00 -14.29
O3P TPO D 164 9.45 23.19 -15.06
C TPO D 164 9.72 25.73 -19.57
O TPO D 164 10.06 24.65 -20.04
N HIS D 165 10.13 26.91 -20.04
CA HIS D 165 11.03 27.02 -21.22
C HIS D 165 12.47 26.88 -20.75
N GLU D 166 12.75 27.44 -19.58
CA GLU D 166 14.11 27.34 -19.01
C GLU D 166 14.38 25.88 -18.64
N VAL D 167 14.55 25.01 -19.65
CA VAL D 167 14.74 23.56 -19.36
C VAL D 167 15.85 23.00 -20.28
N VAL D 168 16.61 22.01 -19.80
CA VAL D 168 17.70 21.33 -20.57
C VAL D 168 18.96 22.20 -20.58
N THR D 169 20.10 21.61 -20.16
CA THR D 169 21.39 22.32 -20.22
C THR D 169 21.58 22.77 -21.65
N LEU D 170 22.19 23.93 -21.84
CA LEU D 170 22.25 24.51 -23.18
C LEU D 170 22.76 23.51 -24.22
N TRP D 171 23.90 22.88 -23.95
CA TRP D 171 24.59 22.00 -24.89
C TRP D 171 23.69 20.90 -25.42
N TYR D 172 22.67 20.51 -24.63
CA TYR D 172 21.86 19.33 -24.89
C TYR D 172 20.45 19.79 -25.24
N ARG D 173 20.32 21.11 -25.42
CA ARG D 173 19.04 21.73 -25.68
C ARG D 173 18.69 21.67 -27.17
N ALA D 174 17.53 21.06 -27.44
CA ALA D 174 16.94 20.89 -28.76
C ALA D 174 16.65 22.23 -29.39
N PRO D 175 16.65 22.32 -30.73
CA PRO D 175 16.50 23.60 -31.39
C PRO D 175 15.12 24.26 -31.34
N GLU D 176 14.08 23.47 -31.00
CA GLU D 176 12.73 24.01 -30.90
C GLU D 176 12.63 24.87 -29.64
N ILE D 177 13.40 24.54 -28.61
CA ILE D 177 13.41 25.38 -27.41
C ILE D 177 14.22 26.65 -27.68
N LEU D 178 15.31 26.51 -28.43
CA LEU D 178 16.16 27.63 -28.74
C LEU D 178 15.40 28.68 -29.54
N LEU D 179 14.64 28.22 -30.54
CA LEU D 179 13.87 29.10 -31.40
C LEU D 179 12.59 29.58 -30.69
N GLY D 180 12.29 29.06 -29.50
CA GLY D 180 11.31 29.63 -28.58
C GLY D 180 9.86 29.25 -28.87
N CYS D 181 9.60 27.95 -29.10
CA CYS D 181 8.23 27.53 -29.42
C CYS D 181 7.45 27.32 -28.14
N LYS D 182 6.13 27.39 -28.29
CA LYS D 182 5.19 27.23 -27.18
C LYS D 182 5.22 25.80 -26.66
N TYR D 183 5.13 24.85 -27.58
CA TYR D 183 4.96 23.46 -27.19
C TYR D 183 6.21 22.66 -27.51
N TYR D 184 6.69 21.89 -26.53
CA TYR D 184 7.72 20.89 -26.77
C TYR D 184 7.25 19.55 -26.20
N SER D 185 7.92 18.47 -26.57
CA SER D 185 7.41 17.15 -26.27
C SER D 185 8.56 16.14 -26.09
N THR D 186 8.24 14.86 -26.28
CA THR D 186 9.13 13.75 -26.06
C THR D 186 10.41 13.94 -26.85
N ALA D 187 10.33 14.67 -27.96
CA ALA D 187 11.47 14.79 -28.86
C ALA D 187 12.67 15.42 -28.16
N VAL D 188 12.44 16.44 -27.32
CA VAL D 188 13.51 17.22 -26.71
C VAL D 188 14.46 16.29 -25.97
N ASP D 189 13.89 15.28 -25.30
CA ASP D 189 14.66 14.20 -24.70
C ASP D 189 15.49 13.46 -25.74
N ILE D 190 14.91 13.08 -26.89
CA ILE D 190 15.63 12.33 -27.89
C ILE D 190 16.82 13.14 -28.40
N TRP D 191 16.60 14.44 -28.65
CA TRP D 191 17.69 15.30 -29.08
C TRP D 191 18.90 15.14 -28.17
N SER D 192 18.63 15.26 -26.87
CA SER D 192 19.68 15.19 -25.87
C SER D 192 20.45 13.87 -26.02
N LEU D 193 19.74 12.76 -26.10
CA LEU D 193 20.37 11.46 -26.25
C LEU D 193 21.19 11.43 -27.54
N GLY D 194 20.70 12.11 -28.59
CA GLY D 194 21.47 12.21 -29.81
C GLY D 194 22.82 12.86 -29.49
N CYS D 195 22.75 14.03 -28.85
CA CYS D 195 23.93 14.75 -28.41
C CYS D 195 24.81 13.86 -27.53
N ILE D 196 24.19 13.01 -26.69
CA ILE D 196 24.94 12.11 -25.85
C ILE D 196 25.60 10.99 -26.67
N PHE D 197 24.83 10.32 -27.54
CA PHE D 197 25.35 9.34 -28.49
C PHE D 197 26.63 9.87 -29.13
N ALA D 198 26.59 11.10 -29.67
CA ALA D 198 27.73 11.62 -30.43
C ALA D 198 28.94 11.74 -29.51
N GLU D 199 28.65 12.11 -28.27
CA GLU D 199 29.67 12.50 -27.31
C GLU D 199 30.36 11.23 -26.79
N MET D 200 29.59 10.13 -26.67
CA MET D 200 30.15 8.86 -26.24
C MET D 200 31.18 8.40 -27.28
N VAL D 201 30.88 8.67 -28.56
CA VAL D 201 31.72 8.24 -29.67
C VAL D 201 33.00 9.08 -29.77
N THR D 202 32.88 10.41 -29.69
CA THR D 202 33.99 11.33 -29.87
C THR D 202 34.60 11.73 -28.53
N ARG D 203 33.85 11.53 -27.43
CA ARG D 203 34.26 12.00 -26.10
C ARG D 203 34.40 13.52 -26.02
N ARG D 204 34.11 14.25 -27.10
CA ARG D 204 33.94 15.69 -27.04
C ARG D 204 32.44 15.96 -27.10
N ALA D 205 32.00 17.04 -26.46
CA ALA D 205 30.61 17.50 -26.58
C ALA D 205 30.36 17.81 -28.04
N LEU D 206 29.12 17.57 -28.50
CA LEU D 206 28.79 17.78 -29.90
C LEU D 206 28.58 19.28 -30.16
N PHE D 207 27.68 19.93 -29.41
CA PHE D 207 27.43 21.36 -29.62
C PHE D 207 27.71 22.15 -28.34
N PRO D 208 28.99 22.47 -28.02
CA PRO D 208 29.32 23.22 -26.81
C PRO D 208 29.26 24.74 -26.96
N GLY D 209 28.04 25.28 -26.92
CA GLY D 209 27.82 26.69 -27.14
C GLY D 209 27.86 27.51 -25.85
N ASP D 210 28.34 28.75 -25.97
CA ASP D 210 28.61 29.64 -24.84
C ASP D 210 27.46 30.63 -24.64
N SER D 211 26.45 30.56 -25.52
CA SER D 211 25.22 31.36 -25.42
C SER D 211 24.13 30.72 -26.29
N GLU D 212 22.92 31.30 -26.35
CA GLU D 212 21.83 30.72 -27.13
C GLU D 212 22.05 30.83 -28.63
N ILE D 213 22.34 32.07 -29.08
CA ILE D 213 22.60 32.34 -30.47
C ILE D 213 23.78 31.48 -30.92
N ASP D 214 24.73 31.24 -30.01
CA ASP D 214 25.92 30.45 -30.29
C ASP D 214 25.58 28.97 -30.47
N GLN D 215 24.73 28.48 -29.56
CA GLN D 215 24.20 27.14 -29.58
C GLN D 215 23.54 26.87 -30.93
N LEU D 216 22.79 27.84 -31.46
CA LEU D 216 22.08 27.66 -32.72
C LEU D 216 23.07 27.58 -33.89
N PHE D 217 24.06 28.47 -33.86
CA PHE D 217 25.04 28.52 -34.90
C PHE D 217 25.78 27.18 -34.95
N ARG D 218 26.14 26.62 -33.78
CA ARG D 218 26.93 25.40 -33.75
C ARG D 218 26.14 24.23 -34.35
N ILE D 219 24.88 24.12 -33.96
CA ILE D 219 24.03 23.11 -34.60
C ILE D 219 23.95 23.35 -36.13
N PHE D 220 23.66 24.55 -36.61
CA PHE D 220 23.46 24.90 -38.06
C PHE D 220 24.69 24.64 -38.89
N ARG D 221 25.88 25.01 -38.41
CA ARG D 221 27.12 24.69 -39.16
C ARG D 221 27.21 23.18 -39.39
N THR D 222 26.98 22.39 -38.34
CA THR D 222 27.12 20.93 -38.40
C THR D 222 25.99 20.29 -39.17
N LEU D 223 24.77 20.73 -38.99
CA LEU D 223 23.62 19.98 -39.57
C LEU D 223 22.98 20.70 -40.74
N GLY D 224 23.46 21.87 -41.09
CA GLY D 224 22.86 22.63 -42.18
C GLY D 224 21.77 23.53 -41.68
N THR D 225 21.79 24.78 -42.12
CA THR D 225 20.78 25.69 -41.62
C THR D 225 19.42 25.17 -42.08
N PRO D 226 18.46 24.95 -41.16
CA PRO D 226 17.17 24.37 -41.56
C PRO D 226 16.41 25.33 -42.46
N ASP D 227 15.43 24.76 -43.18
CA ASP D 227 14.58 25.49 -44.10
C ASP D 227 13.17 24.90 -44.00
N GLU D 228 12.26 25.39 -44.85
CA GLU D 228 10.87 24.98 -44.85
C GLU D 228 10.69 23.59 -45.48
N VAL D 229 11.68 23.11 -46.26
CA VAL D 229 11.55 21.80 -46.88
C VAL D 229 12.11 20.71 -45.95
N VAL D 230 13.01 21.10 -45.04
CA VAL D 230 13.54 20.22 -44.01
C VAL D 230 12.64 20.26 -42.78
N TRP D 231 12.27 21.50 -42.40
CA TRP D 231 11.59 21.79 -41.15
C TRP D 231 10.49 22.82 -41.41
N PRO D 232 9.33 22.39 -41.95
CA PRO D 232 8.20 23.28 -42.16
C PRO D 232 7.93 23.98 -40.83
N GLY D 233 7.63 25.28 -40.90
CA GLY D 233 7.33 26.03 -39.70
C GLY D 233 8.56 26.73 -39.10
N VAL D 234 9.78 26.32 -39.47
CA VAL D 234 10.99 26.90 -38.90
C VAL D 234 11.05 28.42 -39.11
N THR D 235 10.76 28.90 -40.33
CA THR D 235 10.91 30.30 -40.67
C THR D 235 9.87 31.18 -39.94
N SER D 236 8.84 30.55 -39.38
CA SER D 236 7.79 31.30 -38.70
C SER D 236 7.96 31.15 -37.18
N MET D 237 9.10 30.60 -36.78
CA MET D 237 9.37 30.37 -35.37
C MET D 237 9.63 31.71 -34.68
N PRO D 238 9.22 31.90 -33.41
CA PRO D 238 9.42 33.16 -32.69
C PRO D 238 10.80 33.81 -32.71
N ASP D 239 11.82 33.00 -32.43
CA ASP D 239 13.19 33.46 -32.28
C ASP D 239 13.99 33.18 -33.55
N TYR D 240 13.31 32.79 -34.64
CA TYR D 240 13.95 32.65 -35.94
C TYR D 240 14.38 34.02 -36.46
N LYS D 241 15.51 34.03 -37.17
CA LYS D 241 16.01 35.29 -37.76
C LYS D 241 16.46 34.97 -39.20
N PRO D 242 15.89 35.62 -40.22
CA PRO D 242 16.23 35.33 -41.60
C PRO D 242 17.66 35.62 -42.00
N SER D 243 18.44 36.23 -41.09
CA SER D 243 19.85 36.57 -41.37
C SER D 243 20.75 35.34 -41.22
N PHE D 244 20.34 34.35 -40.43
CA PHE D 244 21.15 33.16 -40.22
C PHE D 244 21.93 32.75 -41.47
N PRO D 245 23.28 32.62 -41.42
CA PRO D 245 24.05 32.15 -42.57
C PRO D 245 23.51 30.79 -43.03
N LYS D 246 23.65 30.52 -44.34
CA LYS D 246 23.16 29.30 -44.98
C LYS D 246 24.30 28.27 -45.08
N TRP D 247 24.50 27.51 -44.00
CA TRP D 247 25.57 26.52 -43.91
C TRP D 247 25.16 25.22 -44.59
N ALA D 248 26.05 24.74 -45.46
CA ALA D 248 25.97 23.40 -46.02
C ALA D 248 26.02 22.40 -44.87
N ARG D 249 25.16 21.38 -44.92
CA ARG D 249 25.18 20.31 -43.93
C ARG D 249 26.51 19.59 -44.00
N GLN D 250 27.13 19.37 -42.84
CA GLN D 250 28.36 18.59 -42.77
C GLN D 250 28.06 17.10 -42.93
N ASP D 251 29.10 16.38 -43.39
CA ASP D 251 29.04 14.95 -43.61
C ASP D 251 29.18 14.21 -42.28
N PHE D 252 28.24 13.30 -41.99
CA PHE D 252 28.23 12.65 -40.69
C PHE D 252 29.50 11.83 -40.48
N SER D 253 30.23 11.56 -41.57
CA SER D 253 31.49 10.83 -41.52
C SER D 253 32.68 11.77 -41.24
N LYS D 254 32.43 13.08 -41.18
CA LYS D 254 33.36 14.04 -40.60
C LYS D 254 33.00 14.24 -39.12
N VAL D 255 31.69 14.34 -38.83
CA VAL D 255 31.14 14.64 -37.50
C VAL D 255 31.45 13.50 -36.51
N VAL D 256 31.22 12.26 -36.93
CA VAL D 256 31.50 11.11 -36.09
C VAL D 256 32.25 10.07 -36.93
N PRO D 257 33.56 10.32 -37.21
CA PRO D 257 34.35 9.40 -38.05
C PRO D 257 34.27 7.95 -37.58
N PRO D 258 34.49 7.62 -36.28
CA PRO D 258 34.48 6.22 -35.84
C PRO D 258 33.20 5.45 -36.13
N LEU D 259 32.13 6.17 -36.45
CA LEU D 259 30.81 5.53 -36.39
C LEU D 259 30.45 4.90 -37.74
N ASP D 260 29.88 3.68 -37.69
CA ASP D 260 29.42 2.91 -38.86
C ASP D 260 28.20 3.58 -39.52
N GLU D 261 27.79 3.06 -40.69
CA GLU D 261 26.67 3.59 -41.46
C GLU D 261 25.34 3.54 -40.69
N ASP D 262 25.13 2.48 -39.91
CA ASP D 262 23.93 2.34 -39.09
C ASP D 262 23.94 3.35 -37.95
N GLY D 263 25.11 3.51 -37.31
CA GLY D 263 25.26 4.54 -36.30
C GLY D 263 24.87 5.91 -36.85
N ARG D 264 25.40 6.26 -38.02
CA ARG D 264 25.18 7.57 -38.60
C ARG D 264 23.69 7.78 -38.90
N SER D 265 23.00 6.71 -39.30
CA SER D 265 21.58 6.75 -39.57
C SER D 265 20.78 7.03 -38.29
N LEU D 266 21.03 6.22 -37.27
CA LEU D 266 20.29 6.40 -36.03
C LEU D 266 20.52 7.83 -35.51
N LEU D 267 21.79 8.27 -35.51
CA LEU D 267 22.17 9.59 -35.00
C LEU D 267 21.39 10.67 -35.74
N SER D 268 21.44 10.63 -37.08
CA SER D 268 20.74 11.63 -37.86
C SER D 268 19.25 11.69 -37.52
N GLN D 269 18.60 10.53 -37.35
CA GLN D 269 17.19 10.49 -37.03
C GLN D 269 16.93 11.08 -35.64
N MET D 270 17.93 10.93 -34.75
CA MET D 270 17.83 11.48 -33.41
C MET D 270 18.00 13.00 -33.49
N LEU D 271 18.78 13.46 -34.46
CA LEU D 271 19.10 14.87 -34.50
C LEU D 271 18.27 15.58 -35.56
N HIS D 272 17.10 15.05 -35.90
CA HIS D 272 16.31 15.67 -36.95
C HIS D 272 15.87 17.05 -36.46
N TYR D 273 15.83 18.03 -37.38
CA TYR D 273 15.42 19.38 -36.99
C TYR D 273 13.97 19.37 -36.55
N ASP D 274 13.12 18.76 -37.38
CA ASP D 274 11.68 18.73 -37.17
C ASP D 274 11.39 17.83 -35.97
N PRO D 275 10.83 18.38 -34.86
CA PRO D 275 10.38 17.55 -33.74
C PRO D 275 9.49 16.39 -34.17
N ASN D 276 8.65 16.62 -35.19
CA ASN D 276 7.66 15.64 -35.63
C ASN D 276 8.34 14.49 -36.37
N LYS D 277 9.45 14.76 -37.06
CA LYS D 277 10.12 13.75 -37.85
C LYS D 277 11.19 13.01 -37.05
N ARG D 278 11.64 13.58 -35.91
CA ARG D 278 12.67 12.99 -35.06
C ARG D 278 12.20 11.64 -34.51
N ILE D 279 13.11 10.67 -34.45
CA ILE D 279 12.75 9.30 -34.11
C ILE D 279 12.25 9.29 -32.66
N SER D 280 11.43 8.28 -32.36
CA SER D 280 11.00 8.03 -30.99
C SER D 280 12.00 7.08 -30.35
N ALA D 281 12.04 7.09 -29.00
CA ALA D 281 12.82 6.14 -28.23
C ALA D 281 12.33 4.74 -28.60
N LYS D 282 11.00 4.56 -28.60
CA LYS D 282 10.37 3.31 -28.95
C LYS D 282 10.86 2.81 -30.31
N ALA D 283 10.83 3.68 -31.33
CA ALA D 283 11.29 3.39 -32.67
C ALA D 283 12.80 3.12 -32.74
N ALA D 284 13.60 3.96 -32.06
CA ALA D 284 15.04 3.81 -32.08
C ALA D 284 15.47 2.41 -31.63
N LEU D 285 14.70 1.79 -30.73
CA LEU D 285 15.02 0.47 -30.19
C LEU D 285 15.00 -0.62 -31.27
N ALA D 286 14.12 -0.45 -32.27
CA ALA D 286 14.12 -1.35 -33.42
C ALA D 286 15.32 -1.06 -34.33
N HIS D 287 15.88 0.16 -34.32
CA HIS D 287 16.84 0.54 -35.35
C HIS D 287 17.92 -0.55 -35.56
N PRO D 288 18.34 -0.79 -36.82
CA PRO D 288 19.36 -1.82 -37.12
C PRO D 288 20.72 -1.68 -36.46
N PHE D 289 20.96 -0.56 -35.80
CA PHE D 289 22.23 -0.38 -35.12
C PHE D 289 22.34 -1.36 -33.94
N PHE D 290 21.18 -1.78 -33.43
CA PHE D 290 21.08 -2.54 -32.18
C PHE D 290 20.87 -4.02 -32.43
N GLN D 291 20.72 -4.43 -33.69
CA GLN D 291 20.40 -5.81 -34.00
C GLN D 291 21.46 -6.76 -33.40
N ASP D 292 22.64 -6.23 -33.04
CA ASP D 292 23.72 -7.05 -32.52
C ASP D 292 24.20 -6.57 -31.15
N VAL D 293 23.34 -5.83 -30.42
CA VAL D 293 23.73 -5.25 -29.14
C VAL D 293 24.05 -6.38 -28.16
N THR D 294 25.05 -6.14 -27.29
CA THR D 294 25.31 -6.95 -26.11
C THR D 294 25.47 -6.02 -24.91
N LYS D 295 25.67 -6.60 -23.71
CA LYS D 295 25.89 -5.85 -22.48
C LYS D 295 27.29 -6.11 -21.93
N PRO D 296 28.37 -5.50 -22.48
CA PRO D 296 29.70 -5.65 -21.88
C PRO D 296 29.80 -4.84 -20.58
N VAL D 297 30.84 -5.14 -19.79
CA VAL D 297 31.18 -4.39 -18.58
C VAL D 297 32.23 -3.33 -18.91
N PRO D 298 32.18 -2.12 -18.33
CA PRO D 298 33.14 -1.07 -18.67
C PRO D 298 34.63 -1.45 -18.75
C4 A1H6X E . -8.56 4.53 24.95
C4 A1H6X E . -8.39 4.00 24.10
C5 A1H6X E . -9.02 5.34 25.99
C5 A1H6X E . -7.84 3.75 25.35
C6 A1H6X E . -8.71 4.97 27.28
C6 A1H6X E . -7.05 2.63 25.52
N1 A1H6X E . -7.41 4.75 30.01
N1 A1H6X E . -5.51 0.31 26.26
C3 A1H6X E . -7.77 3.42 25.18
C3 A1H6X E . -8.13 3.16 23.01
S1 A1H6X E . -7.52 3.41 29.14
S1 A1H6X E . -5.84 0.38 24.70
O1 A1H6X E . -6.24 2.78 29.11
O1 A1H6X E . -4.59 0.57 24.01
O2 A1H6X E . -8.65 2.65 29.61
O2 A1H6X E . -6.66 -0.73 24.34
C1 A1H6X E . -7.91 3.87 27.50
C1 A1H6X E . -6.82 1.81 24.44
C2 A1H6X E . -7.44 3.07 26.48
C2 A1H6X E . -7.37 2.03 23.20
I1 A1H6X E . -9.05 5.00 22.95
I1 A1H6X E . -9.60 5.71 23.85
C4 A1H6X F . -0.35 1.52 11.18
C5 A1H6X F . 0.35 0.54 11.85
C6 A1H6X F . 1.72 0.44 11.68
N1 A1H6X F . 4.53 -0.26 11.05
C3 A1H6X F . 0.28 2.44 10.34
S1 A1H6X F . 4.09 1.23 10.70
O1 A1H6X F . 4.65 2.07 11.73
O2 A1H6X F . 4.43 1.51 9.33
C1 A1H6X F . 2.35 1.35 10.85
C2 A1H6X F . 1.65 2.35 10.17
I1 A1H6X F . -2.45 1.61 11.48
C4 A1H6X G . 23.57 -18.79 6.67
C5 A1H6X G . 24.86 -19.23 6.48
C6 A1H6X G . 25.57 -18.78 5.38
N1 A1H6X G . 26.22 -18.66 2.25
C3 A1H6X G . 22.93 -17.91 5.79
S1 A1H6X G . 25.84 -17.37 3.11
O1 A1H6X G . 27.06 -16.78 3.60
O2 A1H6X G . 24.90 -16.60 2.34
C1 A1H6X G . 24.93 -17.91 4.52
C2 A1H6X G . 23.62 -17.47 4.69
I1 A1H6X G . 22.54 -19.54 8.33
C4 A1H6X H . 23.27 8.75 -7.38
C5 A1H6X H . 22.00 8.23 -7.29
C6 A1H6X H . 20.94 9.09 -7.47
N1 A1H6X H . 20.36 12.88 -8.53
C3 A1H6X H . 23.55 10.09 -7.65
S1 A1H6X H . 19.82 11.47 -7.97
O1 A1H6X H . 19.30 11.73 -6.67
O2 A1H6X H . 18.98 10.82 -8.95
C1 A1H6X H . 21.20 10.43 -7.73
C2 A1H6X H . 22.48 10.95 -7.82
I1 A1H6X H . 24.84 7.42 -7.14
C4 A1H6X I . 8.85 6.01 -1.29
C5 A1H6X I . 8.63 7.36 -1.48
C6 A1H6X I . 7.96 8.09 -0.53
N1 A1H6X I . 6.78 9.97 1.41
C3 A1H6X I . 8.40 5.36 -0.14
S1 A1H6X I . 6.73 8.43 1.85
O1 A1H6X I . 7.51 8.31 3.04
O2 A1H6X I . 5.35 8.03 1.86
C1 A1H6X I . 7.53 7.45 0.62
C2 A1H6X I . 7.74 6.09 0.83
I1 A1H6X I . 9.87 4.98 -2.83
#